data_9G69
#
_entry.id   9G69
#
_cell.length_a   1.00
_cell.length_b   1.00
_cell.length_c   1.00
_cell.angle_alpha   90.00
_cell.angle_beta   90.00
_cell.angle_gamma   90.00
#
_symmetry.space_group_name_H-M   'P 1'
#
loop_
_entity.id
_entity.type
_entity.pdbx_description
1 polymer 'Phosphoglucosamine mutase'
2 polymer 'Diadenylate cyclase'
3 non-polymer "ADENOSINE-5'-TRIPHOSPHATE"
#
loop_
_entity_poly.entity_id
_entity_poly.type
_entity_poly.pdbx_seq_one_letter_code
_entity_poly.pdbx_strand_id
1 'polypeptide(L)'
;MGKYFGTDGVRGEANVELTPEMAFKLGRFGGYVLSQHELGTPKVYVGRDTRISGQMLASSLISGLLSVGIEVYDLGVIAT
PGVAYLVKKDGASAGVMISASHNPALDNGIKFFGGDGYKLEDEKELEIEALIDAEEDTLPRPSAQGLGMLHDYIEGVRKY
QAFLKTTAEGNFEGYKVVLDTANGAAYTSARAVFADLEANLTVIGENPDGLNINVKVGSTHPEAMAKKVVETGSDLGLAF
DGDADRLIAVDENGEIVDGDKIMFIVGKYLLGQGKLAQDTLVTTVMSNLGFHLALEEAGINSVITAVGDRYVVEEMKKNN
YNFGGEQSGHMIFLDYNTTGDGQLSAIQLLKVMRETGKSLSELASEVTIYPQKLVNVRVKDNAAKKSAMDVPAIQKVISE
METSMNGKGRILVRPSGTEPLLRVMAEAPTHEEVNHVVDTIVEVVEAEIGVK
;
A,B
2 'polypeptide(L)'
;MTDFNQFFNLEFWQKIFELNESPLRIAIAVLDIAIVSFFLYQAIRFVQGTKLMTLVRGVIIFIFIRIIAGLIGLTTVEWL
LNQVITYGVIAGVIIFQPEIRRALESLGRTTTLFTPTKKGSLDGHISAYEKSFAYMSERKIGALIAIERGQNLNEFVSTG
IRLDADITSELLINIFIPNTPLHDGAVIVQGNKIAVTSAYLPLTEKSGISKQFGTRHRAAIGLSEVSDALILVVSEETGG
ISVAHNGEFFADISKEKFHDILVAILVPKVEKTVRGTGRIRKNKVEEKKNGK
;
C,D
#
# COMPACT_ATOMS: atom_id res chain seq x y z
N MET A 1 -1.20 30.43 18.47
CA MET A 1 -0.26 30.14 17.39
C MET A 1 1.16 30.54 17.78
N GLY A 2 2.09 29.59 17.68
CA GLY A 2 3.47 29.85 18.03
C GLY A 2 4.26 30.44 16.89
N LYS A 3 5.49 29.97 16.70
CA LYS A 3 6.32 30.49 15.61
C LYS A 3 5.85 29.96 14.26
N TYR A 4 5.50 28.68 14.18
CA TYR A 4 5.02 28.12 12.93
C TYR A 4 3.88 27.13 13.13
N PHE A 5 3.30 27.03 14.32
CA PHE A 5 2.16 26.16 14.56
C PHE A 5 0.88 26.98 14.56
N GLY A 6 -0.20 26.37 14.10
CA GLY A 6 -1.48 27.06 14.01
C GLY A 6 -2.30 26.94 15.28
N THR A 7 -3.51 26.38 15.15
CA THR A 7 -4.39 26.16 16.29
C THR A 7 -4.47 24.69 16.69
N ASP A 8 -4.69 23.80 15.72
CA ASP A 8 -4.66 22.37 15.97
C ASP A 8 -3.60 21.72 15.09
N GLY A 9 -2.43 22.34 15.01
CA GLY A 9 -1.36 21.87 14.15
C GLY A 9 -0.91 22.92 13.15
N VAL A 10 -1.17 22.66 11.87
CA VAL A 10 -0.94 23.64 10.80
C VAL A 10 -2.19 23.68 9.93
N ARG A 11 -2.81 24.84 9.83
CA ARG A 11 -4.01 25.02 9.03
C ARG A 11 -3.77 26.08 7.98
N GLY A 12 -4.04 25.74 6.72
CA GLY A 12 -3.83 26.66 5.63
C GLY A 12 -4.04 25.96 4.31
N GLU A 13 -3.83 26.73 3.24
CA GLU A 13 -3.99 26.20 1.89
C GLU A 13 -2.69 25.57 1.41
N ALA A 14 -2.78 24.36 0.87
CA ALA A 14 -1.60 23.69 0.35
C ALA A 14 -1.12 24.39 -0.92
N ASN A 15 0.17 24.69 -0.96
CA ASN A 15 0.86 25.35 -2.08
C ASN A 15 0.29 26.71 -2.44
N VAL A 16 -0.44 27.35 -1.52
CA VAL A 16 -0.94 28.70 -1.71
C VAL A 16 -0.54 29.60 -0.55
N GLU A 17 -0.86 29.19 0.67
CA GLU A 17 -0.40 29.89 1.88
C GLU A 17 0.78 29.17 2.51
N LEU A 18 0.60 27.90 2.89
CA LEU A 18 1.71 27.11 3.38
C LEU A 18 2.59 26.67 2.20
N THR A 19 3.84 26.35 2.50
CA THR A 19 4.64 25.86 1.38
C THR A 19 4.88 24.35 1.52
N PRO A 20 4.88 23.62 0.40
CA PRO A 20 5.21 22.17 0.50
C PRO A 20 6.60 21.92 1.03
N GLU A 21 7.56 22.76 0.67
CA GLU A 21 8.88 22.70 1.30
C GLU A 21 8.80 23.05 2.78
N MET A 22 7.95 24.01 3.14
CA MET A 22 7.72 24.28 4.56
C MET A 22 7.03 23.11 5.23
N ALA A 23 6.22 22.34 4.50
CA ALA A 23 5.62 21.14 5.09
C ALA A 23 6.67 20.08 5.36
N PHE A 24 7.61 19.88 4.44
CA PHE A 24 8.71 18.95 4.69
C PHE A 24 9.60 19.45 5.82
N LYS A 25 9.75 20.78 5.95
CA LYS A 25 10.52 21.34 7.06
C LYS A 25 9.81 21.11 8.40
N LEU A 26 8.49 21.27 8.42
CA LEU A 26 7.69 21.00 9.61
C LEU A 26 7.57 19.52 9.90
N GLY A 27 7.92 18.67 8.93
CA GLY A 27 8.07 17.26 9.21
C GLY A 27 9.43 16.92 9.78
N ARG A 28 10.49 17.48 9.19
CA ARG A 28 11.85 17.16 9.60
C ARG A 28 12.20 17.74 10.96
N PHE A 29 12.02 19.06 11.13
CA PHE A 29 12.32 19.69 12.41
C PHE A 29 11.39 19.17 13.51
N GLY A 30 10.14 18.86 13.15
CA GLY A 30 9.24 18.24 14.10
C GLY A 30 9.68 16.84 14.48
N GLY A 31 10.26 16.10 13.53
CA GLY A 31 10.85 14.82 13.86
C GLY A 31 12.03 14.96 14.80
N TYR A 32 12.83 16.00 14.60
CA TYR A 32 13.92 16.28 15.54
C TYR A 32 13.40 16.60 16.93
N VAL A 33 12.31 17.37 16.99
CA VAL A 33 11.68 17.70 18.27
C VAL A 33 11.16 16.45 18.96
N LEU A 34 10.52 15.55 18.19
CA LEU A 34 10.03 14.31 18.75
C LEU A 34 11.18 13.39 19.18
N SER A 35 12.29 13.44 18.46
CA SER A 35 13.42 12.58 18.81
C SER A 35 14.15 13.09 20.04
N GLN A 36 14.15 14.39 20.29
CA GLN A 36 14.88 14.96 21.42
C GLN A 36 14.09 14.87 22.73
N HIS A 37 13.04 14.05 22.80
CA HIS A 37 12.29 13.92 24.03
C HIS A 37 11.84 12.50 24.34
N GLU A 38 12.42 11.47 23.71
CA GLU A 38 12.02 10.10 23.98
C GLU A 38 13.17 9.16 23.63
N LEU A 39 13.49 8.25 24.54
CA LEU A 39 14.52 7.26 24.29
C LEU A 39 14.04 6.25 23.26
N GLY A 40 15.00 5.72 22.49
CA GLY A 40 14.68 4.80 21.42
C GLY A 40 14.14 5.51 20.20
N THR A 41 13.91 4.73 19.16
CA THR A 41 13.40 5.29 17.92
C THR A 41 11.92 5.65 18.08
N PRO A 42 11.53 6.89 17.82
CA PRO A 42 10.11 7.26 17.98
C PRO A 42 9.28 6.69 16.84
N LYS A 43 8.19 6.01 17.20
CA LYS A 43 7.27 5.43 16.23
C LYS A 43 6.01 6.28 16.19
N VAL A 44 5.67 6.78 15.01
CA VAL A 44 4.60 7.76 14.84
C VAL A 44 3.56 7.21 13.88
N TYR A 45 2.54 8.02 13.64
CA TYR A 45 1.49 7.71 12.69
C TYR A 45 1.24 8.91 11.78
N VAL A 46 0.51 8.68 10.70
CA VAL A 46 0.21 9.73 9.73
C VAL A 46 -1.18 9.48 9.15
N GLY A 47 -1.91 10.56 8.89
CA GLY A 47 -3.23 10.47 8.30
C GLY A 47 -3.57 11.71 7.51
N ARG A 48 -4.56 11.58 6.63
CA ARG A 48 -4.96 12.68 5.79
C ARG A 48 -6.39 12.47 5.30
N ASP A 49 -7.12 13.58 5.15
CA ASP A 49 -8.46 13.56 4.61
C ASP A 49 -8.39 13.40 3.10
N THR A 50 -9.55 13.32 2.44
CA THR A 50 -9.63 13.07 1.01
C THR A 50 -9.68 14.36 0.19
N ARG A 51 -9.06 15.43 0.67
CA ARG A 51 -9.03 16.68 -0.07
C ARG A 51 -8.23 16.54 -1.35
N ILE A 52 -8.60 17.34 -2.35
CA ILE A 52 -8.02 17.22 -3.69
C ILE A 52 -6.54 17.59 -3.67
N SER A 53 -6.21 18.73 -3.10
CA SER A 53 -4.82 19.12 -2.94
C SER A 53 -4.20 18.57 -1.67
N GLY A 54 -4.94 17.76 -0.91
CA GLY A 54 -4.47 17.33 0.39
C GLY A 54 -3.27 16.40 0.35
N GLN A 55 -3.19 15.54 -0.67
CA GLN A 55 -2.16 14.50 -0.68
C GLN A 55 -0.76 15.06 -0.87
N MET A 56 -0.64 16.25 -1.47
CA MET A 56 0.67 16.85 -1.68
C MET A 56 1.32 17.24 -0.36
N LEU A 57 0.56 17.88 0.52
CA LEU A 57 1.10 18.30 1.81
C LEU A 57 1.46 17.10 2.67
N ALA A 58 0.60 16.07 2.68
CA ALA A 58 0.89 14.88 3.45
C ALA A 58 2.12 14.15 2.93
N SER A 59 2.26 14.08 1.59
CA SER A 59 3.44 13.44 1.00
C SER A 59 4.70 14.23 1.33
N SER A 60 4.65 15.56 1.26
CA SER A 60 5.81 16.39 1.55
C SER A 60 6.22 16.26 3.02
N LEU A 61 5.25 16.26 3.93
CA LEU A 61 5.58 16.11 5.34
C LEU A 61 6.05 14.71 5.67
N ILE A 62 5.53 13.69 4.99
CA ILE A 62 5.99 12.33 5.21
C ILE A 62 7.42 12.17 4.72
N SER A 63 7.76 12.82 3.61
CA SER A 63 9.13 12.79 3.12
C SER A 63 10.07 13.55 4.04
N GLY A 64 9.64 14.72 4.52
CA GLY A 64 10.48 15.51 5.41
C GLY A 64 10.74 14.82 6.74
N LEU A 65 9.69 14.26 7.35
CA LEU A 65 9.87 13.56 8.61
C LEU A 65 10.63 12.25 8.44
N LEU A 66 10.74 11.73 7.21
CA LEU A 66 11.44 10.48 6.98
C LEU A 66 12.96 10.61 7.17
N SER A 67 13.49 11.83 7.20
CA SER A 67 14.93 12.01 7.29
C SER A 67 15.42 12.11 8.72
N VAL A 68 14.61 12.67 9.62
CA VAL A 68 15.06 13.00 10.97
C VAL A 68 15.35 11.78 11.81
N GLY A 69 14.87 10.60 11.43
CA GLY A 69 15.15 9.37 12.13
C GLY A 69 13.91 8.64 12.63
N ILE A 70 12.87 9.36 13.05
CA ILE A 70 11.66 8.73 13.53
C ILE A 70 10.92 8.14 12.33
N GLU A 71 10.95 6.81 12.23
CA GLU A 71 10.37 6.13 11.08
C GLU A 71 8.86 6.23 11.12
N VAL A 72 8.31 7.23 10.46
CA VAL A 72 6.89 7.53 10.52
C VAL A 72 6.14 6.55 9.63
N TYR A 73 5.54 5.53 10.23
CA TYR A 73 4.61 4.68 9.51
C TYR A 73 3.35 5.48 9.19
N ASP A 74 2.89 5.42 7.95
CA ASP A 74 1.84 6.29 7.46
C ASP A 74 0.60 5.48 7.12
N LEU A 75 -0.57 6.04 7.41
CA LEU A 75 -1.85 5.38 7.13
C LEU A 75 -2.79 6.42 6.55
N GLY A 76 -2.78 6.56 5.22
CA GLY A 76 -3.57 7.55 4.54
C GLY A 76 -5.04 7.19 4.46
N VAL A 77 -5.86 8.22 4.25
CA VAL A 77 -7.32 8.14 4.11
C VAL A 77 -7.94 7.49 5.33
N ILE A 78 -7.95 8.20 6.45
CA ILE A 78 -8.58 7.71 7.67
C ILE A 78 -9.03 8.92 8.47
N ALA A 79 -9.93 8.69 9.43
CA ALA A 79 -10.43 9.78 10.23
C ALA A 79 -9.37 10.27 11.21
N THR A 80 -9.51 11.54 11.60
CA THR A 80 -8.66 12.07 12.66
C THR A 80 -8.90 11.37 13.99
N PRO A 81 -10.14 11.18 14.43
CA PRO A 81 -10.38 10.37 15.64
C PRO A 81 -9.92 8.93 15.50
N GLY A 82 -10.04 8.36 14.30
CA GLY A 82 -9.48 7.03 14.08
C GLY A 82 -7.98 6.99 14.22
N VAL A 83 -7.30 8.02 13.70
CA VAL A 83 -5.84 8.09 13.80
C VAL A 83 -5.42 8.24 15.26
N ALA A 84 -6.14 9.08 16.01
CA ALA A 84 -5.83 9.25 17.43
C ALA A 84 -6.07 7.95 18.22
N TYR A 85 -7.18 7.26 17.94
CA TYR A 85 -7.49 6.00 18.63
C TYR A 85 -6.45 4.93 18.31
N LEU A 86 -6.03 4.86 17.04
CA LEU A 86 -4.98 3.91 16.67
C LEU A 86 -3.65 4.27 17.34
N VAL A 87 -3.34 5.57 17.43
CA VAL A 87 -2.09 6.00 18.06
C VAL A 87 -2.07 5.66 19.53
N LYS A 88 -3.20 5.84 20.22
CA LYS A 88 -3.26 5.52 21.63
C LYS A 88 -3.50 4.04 21.90
N LYS A 89 -3.86 3.26 20.88
CA LYS A 89 -4.15 1.84 21.10
C LYS A 89 -2.99 0.92 20.73
N ASP A 90 -2.43 1.09 19.52
CA ASP A 90 -1.38 0.18 19.06
C ASP A 90 -0.07 0.38 19.81
N GLY A 91 0.14 1.54 20.41
CA GLY A 91 1.36 1.80 21.15
C GLY A 91 2.27 2.79 20.46
N ALA A 92 1.68 3.75 19.75
CA ALA A 92 2.47 4.74 19.04
C ALA A 92 3.06 5.76 19.99
N SER A 93 4.16 6.38 19.56
CA SER A 93 4.75 7.48 20.30
C SER A 93 4.32 8.84 19.77
N ALA A 94 3.73 8.88 18.56
CA ALA A 94 3.24 10.11 17.97
C ALA A 94 2.25 9.74 16.87
N GLY A 95 1.73 10.77 16.19
CA GLY A 95 0.79 10.57 15.12
C GLY A 95 0.54 11.84 14.34
N VAL A 96 -0.11 11.69 13.19
CA VAL A 96 -0.43 12.83 12.33
C VAL A 96 -1.78 12.60 11.66
N MET A 97 -2.54 13.68 11.51
CA MET A 97 -3.78 13.67 10.74
C MET A 97 -3.85 14.97 9.95
N ILE A 98 -4.56 14.94 8.82
CA ILE A 98 -4.63 16.08 7.93
C ILE A 98 -6.08 16.24 7.47
N SER A 99 -6.75 17.28 7.96
CA SER A 99 -8.15 17.57 7.64
C SER A 99 -8.49 18.99 8.06
N ALA A 100 -9.40 19.62 7.33
CA ALA A 100 -9.80 21.00 7.58
C ALA A 100 -11.27 21.16 7.90
N SER A 101 -12.06 20.07 7.86
CA SER A 101 -13.46 20.03 8.29
C SER A 101 -14.37 20.98 7.52
N HIS A 102 -14.85 22.02 8.21
CA HIS A 102 -15.86 22.92 7.65
C HIS A 102 -15.34 23.80 6.52
N ASN A 103 -14.02 23.85 6.31
CA ASN A 103 -13.46 24.72 5.29
C ASN A 103 -13.73 24.16 3.90
N PRO A 104 -13.63 25.00 2.86
CA PRO A 104 -13.82 24.51 1.49
C PRO A 104 -12.64 23.69 1.00
N ALA A 105 -12.66 23.31 -0.28
CA ALA A 105 -11.62 22.46 -0.83
C ALA A 105 -10.31 23.19 -1.09
N LEU A 106 -10.27 24.51 -0.90
CA LEU A 106 -9.08 25.29 -1.21
C LEU A 106 -7.97 25.13 -0.19
N ASP A 107 -8.20 24.43 0.91
CA ASP A 107 -7.20 24.27 1.95
C ASP A 107 -7.29 22.86 2.52
N ASN A 108 -6.18 22.43 3.12
CA ASN A 108 -6.11 21.11 3.76
C ASN A 108 -5.48 21.25 5.14
N GLY A 109 -5.82 20.33 6.02
CA GLY A 109 -5.30 20.38 7.37
C GLY A 109 -3.91 19.78 7.50
N ILE A 110 -3.26 20.10 8.61
CA ILE A 110 -2.06 19.39 9.05
C ILE A 110 -2.04 19.41 10.57
N LYS A 111 -2.21 18.23 11.18
CA LYS A 111 -2.30 18.12 12.63
C LYS A 111 -1.35 17.06 13.11
N PHE A 112 -0.46 17.42 14.04
CA PHE A 112 0.47 16.47 14.64
C PHE A 112 -0.19 15.87 15.88
N PHE A 113 -0.71 14.65 15.74
CA PHE A 113 -1.40 13.97 16.83
C PHE A 113 -0.36 13.55 17.86
N GLY A 114 -0.42 14.16 19.05
CA GLY A 114 0.61 13.96 20.04
C GLY A 114 0.60 12.57 20.64
N GLY A 115 1.68 12.27 21.36
CA GLY A 115 1.84 10.96 21.94
C GLY A 115 0.99 10.71 23.17
N ASP A 116 0.36 11.74 23.71
CA ASP A 116 -0.50 11.55 24.88
C ASP A 116 -1.77 10.79 24.53
N GLY A 117 -2.39 11.15 23.40
CA GLY A 117 -3.68 10.62 23.01
C GLY A 117 -4.75 11.70 22.85
N TYR A 118 -4.61 12.79 23.60
CA TYR A 118 -5.37 14.01 23.38
C TYR A 118 -4.70 14.82 22.28
N LYS A 119 -5.06 16.08 22.12
CA LYS A 119 -4.39 16.94 21.16
C LYS A 119 -2.94 17.19 21.59
N LEU A 120 -2.15 17.73 20.68
CA LEU A 120 -0.70 17.83 20.87
C LEU A 120 -0.37 18.72 22.07
N GLU A 121 0.61 18.26 22.85
CA GLU A 121 0.96 18.95 24.08
C GLU A 121 1.70 20.25 23.78
N ASP A 122 1.74 21.12 24.78
CA ASP A 122 2.35 22.45 24.61
C ASP A 122 3.85 22.35 24.40
N GLU A 123 4.52 21.41 25.09
CA GLU A 123 5.96 21.28 24.95
C GLU A 123 6.35 20.84 23.55
N LYS A 124 5.56 19.94 22.95
CA LYS A 124 5.84 19.49 21.59
C LYS A 124 5.70 20.63 20.59
N GLU A 125 4.65 21.46 20.75
CA GLU A 125 4.47 22.60 19.86
C GLU A 125 5.58 23.63 20.03
N LEU A 126 6.00 23.88 21.28
CA LEU A 126 7.09 24.81 21.53
C LEU A 126 8.39 24.30 20.92
N GLU A 127 8.65 22.99 21.02
CA GLU A 127 9.87 22.42 20.46
C GLU A 127 9.86 22.46 18.94
N ILE A 128 8.72 22.16 18.32
CA ILE A 128 8.61 22.23 16.87
C ILE A 128 8.77 23.67 16.40
N GLU A 129 8.21 24.62 17.15
CA GLU A 129 8.39 26.04 16.83
C GLU A 129 9.84 26.45 16.94
N ALA A 130 10.54 25.97 17.97
CA ALA A 130 11.95 26.30 18.12
C ALA A 130 12.79 25.72 16.99
N LEU A 131 12.54 24.47 16.61
CA LEU A 131 13.34 23.82 15.57
C LEU A 131 12.95 24.27 14.16
N ILE A 132 11.80 24.91 13.98
CA ILE A 132 11.49 25.57 12.72
C ILE A 132 11.82 27.06 12.77
N ASP A 133 12.21 27.58 13.92
CA ASP A 133 12.51 29.00 14.08
C ASP A 133 13.99 29.29 13.93
N ALA A 134 14.86 28.38 14.36
CA ALA A 134 16.29 28.60 14.25
C ALA A 134 16.74 28.51 12.79
N GLU A 135 17.86 29.17 12.50
CA GLU A 135 18.32 29.28 11.12
C GLU A 135 18.85 27.95 10.60
N GLU A 136 19.90 27.44 11.24
CA GLU A 136 20.55 26.23 10.75
C GLU A 136 19.70 24.99 11.01
N ASP A 137 19.78 24.03 10.09
CA ASP A 137 19.12 22.74 10.25
C ASP A 137 20.15 21.71 10.72
N THR A 138 20.37 21.72 12.03
CA THR A 138 21.43 20.91 12.65
C THR A 138 20.94 19.53 13.07
N LEU A 139 19.89 19.02 12.44
CA LEU A 139 19.42 17.68 12.76
C LEU A 139 20.43 16.64 12.30
N PRO A 140 20.49 15.49 12.98
CA PRO A 140 21.42 14.44 12.55
C PRO A 140 20.91 13.74 11.31
N ARG A 141 21.53 14.02 10.17
CA ARG A 141 21.08 13.45 8.90
C ARG A 141 21.72 12.10 8.70
N PRO A 142 21.02 11.00 8.96
CA PRO A 142 21.63 9.68 8.75
C PRO A 142 21.78 9.38 7.27
N SER A 143 22.93 8.84 6.89
CA SER A 143 23.19 8.51 5.48
C SER A 143 22.55 7.18 5.12
N ALA A 144 23.02 6.10 5.74
CA ALA A 144 22.41 4.79 5.58
C ALA A 144 21.89 4.23 6.89
N GLN A 145 22.73 4.13 7.90
CA GLN A 145 22.32 3.60 9.19
C GLN A 145 21.52 4.66 9.95
N GLY A 146 20.34 4.27 10.43
CA GLY A 146 19.49 5.17 11.18
C GLY A 146 18.37 5.80 10.37
N LEU A 147 18.41 5.71 9.05
CA LEU A 147 17.32 6.22 8.23
C LEU A 147 16.06 5.39 8.46
N GLY A 148 14.91 6.06 8.43
CA GLY A 148 13.64 5.43 8.71
C GLY A 148 12.89 5.11 7.44
N MET A 149 12.68 3.83 7.20
CA MET A 149 11.89 3.40 6.05
C MET A 149 10.42 3.76 6.26
N LEU A 150 9.72 3.98 5.15
CA LEU A 150 8.31 4.34 5.17
C LEU A 150 7.48 3.07 5.09
N HIS A 151 7.02 2.57 6.24
CA HIS A 151 6.19 1.37 6.30
C HIS A 151 4.74 1.79 6.19
N ASP A 152 4.10 1.40 5.09
CA ASP A 152 2.70 1.75 4.87
C ASP A 152 1.81 1.02 5.86
N TYR A 153 0.79 1.73 6.35
CA TYR A 153 -0.11 1.20 7.36
C TYR A 153 -1.54 1.17 6.84
N ILE A 154 -1.73 0.63 5.63
CA ILE A 154 -3.03 0.59 4.96
C ILE A 154 -4.11 -0.16 5.74
N GLU A 155 -3.73 -0.92 6.76
CA GLU A 155 -4.68 -1.56 7.67
C GLU A 155 -5.25 -0.58 8.70
N GLY A 156 -4.99 0.72 8.58
CA GLY A 156 -5.48 1.69 9.53
C GLY A 156 -6.98 1.89 9.50
N VAL A 157 -7.64 1.51 8.42
CA VAL A 157 -9.10 1.53 8.38
C VAL A 157 -9.67 0.47 9.31
N ARG A 158 -9.00 -0.67 9.41
CA ARG A 158 -9.52 -1.81 10.17
C ARG A 158 -9.59 -1.51 11.66
N LYS A 159 -8.54 -0.91 12.23
CA LYS A 159 -8.53 -0.62 13.66
C LYS A 159 -9.56 0.44 14.02
N TYR A 160 -9.66 1.50 13.20
CA TYR A 160 -10.64 2.54 13.45
C TYR A 160 -12.05 2.03 13.29
N GLN A 161 -12.27 1.07 12.39
CA GLN A 161 -13.56 0.40 12.31
C GLN A 161 -13.80 -0.42 13.57
N ALA A 162 -12.77 -1.10 14.07
CA ALA A 162 -12.89 -1.93 15.26
C ALA A 162 -13.18 -1.11 16.51
N PHE A 163 -12.80 0.17 16.53
CA PHE A 163 -13.19 1.01 17.65
C PHE A 163 -14.69 1.34 17.62
N LEU A 164 -15.30 1.31 16.43
CA LEU A 164 -16.74 1.59 16.34
C LEU A 164 -17.57 0.40 16.81
N LYS A 165 -17.16 -0.82 16.46
CA LYS A 165 -17.95 -2.00 16.80
C LYS A 165 -17.93 -2.27 18.30
N THR A 166 -16.86 -1.89 18.99
CA THR A 166 -16.85 -1.98 20.44
C THR A 166 -17.70 -0.88 21.08
N THR A 167 -17.83 0.26 20.42
CA THR A 167 -18.63 1.37 20.92
C THR A 167 -20.08 1.29 20.48
N ALA A 168 -20.45 0.24 19.74
CA ALA A 168 -21.86 0.04 19.38
C ALA A 168 -22.72 -0.15 20.62
N GLU A 169 -22.20 -0.86 21.62
CA GLU A 169 -22.88 -1.13 22.90
C GLU A 169 -24.23 -1.79 22.66
N GLY A 170 -24.24 -2.77 21.77
CA GLY A 170 -25.47 -3.37 21.31
C GLY A 170 -25.74 -3.03 19.85
N ASN A 171 -26.63 -3.80 19.25
CA ASN A 171 -26.90 -3.68 17.83
C ASN A 171 -27.70 -2.42 17.52
N PHE A 172 -27.37 -1.79 16.40
CA PHE A 172 -28.18 -0.73 15.82
C PHE A 172 -28.95 -1.22 14.61
N GLU A 173 -29.11 -2.54 14.50
CA GLU A 173 -29.80 -3.14 13.36
C GLU A 173 -31.31 -2.91 13.46
N GLY A 174 -31.99 -3.19 12.35
CA GLY A 174 -33.43 -3.03 12.28
C GLY A 174 -33.86 -1.63 11.87
N TYR A 175 -33.20 -0.62 12.44
CA TYR A 175 -33.52 0.76 12.11
C TYR A 175 -33.05 1.09 10.70
N LYS A 176 -33.58 2.19 10.16
CA LYS A 176 -33.24 2.67 8.83
C LYS A 176 -32.61 4.05 8.96
N VAL A 177 -31.42 4.21 8.39
CA VAL A 177 -30.62 5.42 8.61
C VAL A 177 -30.21 6.00 7.26
N VAL A 178 -29.63 7.19 7.32
CA VAL A 178 -29.05 7.86 6.17
C VAL A 178 -27.69 8.42 6.58
N LEU A 179 -26.66 8.07 5.83
CA LEU A 179 -25.28 8.48 6.14
C LEU A 179 -24.70 9.20 4.93
N ASP A 180 -24.68 10.53 4.99
CA ASP A 180 -24.12 11.35 3.92
C ASP A 180 -22.60 11.41 4.13
N THR A 181 -21.86 10.79 3.21
CA THR A 181 -20.41 10.69 3.39
C THR A 181 -19.70 12.02 3.19
N ALA A 182 -20.27 12.93 2.41
CA ALA A 182 -19.76 14.29 2.18
C ALA A 182 -18.36 14.30 1.57
N ASN A 183 -17.96 13.19 0.94
CA ASN A 183 -16.66 13.03 0.25
C ASN A 183 -15.49 13.38 1.16
N GLY A 184 -15.56 12.95 2.41
CA GLY A 184 -14.56 13.29 3.41
C GLY A 184 -14.07 12.07 4.15
N ALA A 185 -13.95 12.23 5.47
CA ALA A 185 -13.48 11.14 6.33
C ALA A 185 -14.43 9.96 6.35
N ALA A 186 -15.70 10.17 5.99
CA ALA A 186 -16.65 9.09 5.93
C ALA A 186 -16.52 8.23 4.67
N TYR A 187 -15.65 8.62 3.73
CA TYR A 187 -15.53 7.88 2.49
C TYR A 187 -14.74 6.59 2.66
N THR A 188 -14.07 6.39 3.80
CA THR A 188 -13.17 5.25 3.98
C THR A 188 -13.73 4.22 4.95
N SER A 189 -14.13 4.65 6.16
CA SER A 189 -14.49 3.72 7.21
C SER A 189 -15.93 3.82 7.67
N ALA A 190 -16.58 4.99 7.51
CA ALA A 190 -17.87 5.19 8.17
C ALA A 190 -18.99 4.44 7.47
N ARG A 191 -18.90 4.26 6.14
CA ARG A 191 -19.89 3.45 5.45
C ARG A 191 -19.83 2.01 5.92
N ALA A 192 -18.62 1.45 6.04
CA ALA A 192 -18.46 0.10 6.55
C ALA A 192 -18.85 0.02 8.02
N VAL A 193 -18.70 1.13 8.76
CA VAL A 193 -19.06 1.13 10.17
C VAL A 193 -20.58 1.09 10.35
N PHE A 194 -21.28 2.00 9.68
CA PHE A 194 -22.74 2.03 9.78
C PHE A 194 -23.37 0.81 9.12
N ALA A 195 -22.68 0.18 8.16
CA ALA A 195 -23.13 -1.11 7.67
C ALA A 195 -22.84 -2.21 8.67
N ASP A 196 -21.78 -2.06 9.47
CA ASP A 196 -21.36 -3.10 10.40
C ASP A 196 -22.35 -3.26 11.56
N LEU A 197 -23.24 -2.31 11.75
CA LEU A 197 -24.34 -2.49 12.69
C LEU A 197 -25.52 -3.22 12.07
N GLU A 198 -25.39 -3.65 10.80
CA GLU A 198 -26.37 -4.48 10.10
C GLU A 198 -27.73 -3.81 9.97
N ALA A 199 -27.73 -2.51 9.72
CA ALA A 199 -28.96 -1.78 9.49
C ALA A 199 -29.12 -1.45 8.01
N ASN A 200 -30.28 -0.90 7.66
CA ASN A 200 -30.52 -0.45 6.29
C ASN A 200 -29.74 0.83 6.06
N LEU A 201 -28.90 0.85 5.05
CA LEU A 201 -27.99 1.95 4.79
C LEU A 201 -28.38 2.66 3.50
N THR A 202 -28.52 3.98 3.57
CA THR A 202 -28.73 4.83 2.41
C THR A 202 -27.68 5.92 2.44
N VAL A 203 -26.78 5.90 1.46
CA VAL A 203 -25.61 6.76 1.47
C VAL A 203 -25.83 7.92 0.50
N ILE A 204 -25.17 9.03 0.79
CA ILE A 204 -25.19 10.21 -0.07
C ILE A 204 -23.75 10.70 -0.24
N GLY A 205 -23.33 10.84 -1.49
CA GLY A 205 -22.00 11.35 -1.79
C GLY A 205 -20.85 10.47 -1.33
N GLU A 206 -21.00 9.16 -1.48
CA GLU A 206 -19.98 8.21 -1.05
C GLU A 206 -18.99 7.86 -2.15
N ASN A 207 -19.09 8.52 -3.29
CA ASN A 207 -18.18 8.30 -4.42
C ASN A 207 -17.31 9.54 -4.58
N PRO A 208 -16.36 9.75 -3.67
CA PRO A 208 -15.51 10.95 -3.74
C PRO A 208 -14.56 10.89 -4.92
N ASP A 209 -14.38 12.06 -5.54
CA ASP A 209 -13.44 12.20 -6.65
C ASP A 209 -12.37 13.23 -6.34
N GLY A 210 -12.12 13.50 -5.07
CA GLY A 210 -11.10 14.46 -4.67
C GLY A 210 -11.58 15.87 -4.43
N LEU A 211 -12.10 16.51 -5.48
CA LEU A 211 -12.52 17.90 -5.39
C LEU A 211 -13.97 18.06 -4.93
N ASN A 212 -14.60 16.98 -4.48
CA ASN A 212 -16.00 17.01 -4.07
C ASN A 212 -16.18 17.05 -2.56
N ILE A 213 -15.10 17.26 -1.80
CA ILE A 213 -15.18 17.26 -0.35
C ILE A 213 -15.94 18.48 0.13
N ASN A 214 -16.92 18.26 1.02
CA ASN A 214 -17.71 19.31 1.66
C ASN A 214 -18.41 20.21 0.64
N VAL A 215 -18.89 19.63 -0.45
CA VAL A 215 -19.58 20.37 -1.51
C VAL A 215 -21.00 19.82 -1.61
N LYS A 216 -21.97 20.64 -1.21
CA LYS A 216 -23.41 20.36 -1.32
C LYS A 216 -23.84 19.11 -0.56
N VAL A 217 -23.04 18.66 0.40
CA VAL A 217 -23.37 17.51 1.24
C VAL A 217 -22.53 17.59 2.49
N GLY A 218 -23.15 17.36 3.65
CA GLY A 218 -22.44 17.29 4.90
C GLY A 218 -22.90 18.38 5.87
N SER A 219 -21.94 18.84 6.69
CA SER A 219 -22.21 19.80 7.75
C SER A 219 -22.17 21.24 7.28
N THR A 220 -22.30 21.49 5.97
CA THR A 220 -22.36 22.83 5.43
C THR A 220 -23.75 23.25 4.99
N HIS A 221 -24.55 22.32 4.47
CA HIS A 221 -25.94 22.60 4.08
C HIS A 221 -26.73 21.32 4.23
N PRO A 222 -27.23 21.04 5.44
CA PRO A 222 -27.82 19.74 5.73
C PRO A 222 -29.20 19.49 5.15
N GLU A 223 -29.69 20.36 4.26
CA GLU A 223 -31.00 20.13 3.68
C GLU A 223 -31.01 18.97 2.70
N ALA A 224 -29.85 18.65 2.11
CA ALA A 224 -29.80 17.58 1.11
C ALA A 224 -29.94 16.21 1.75
N MET A 225 -29.26 15.97 2.87
CA MET A 225 -29.42 14.71 3.58
C MET A 225 -30.83 14.57 4.14
N ALA A 226 -31.48 15.70 4.46
CA ALA A 226 -32.86 15.65 4.92
C ALA A 226 -33.82 15.34 3.78
N LYS A 227 -33.56 15.89 2.60
CA LYS A 227 -34.36 15.53 1.43
C LYS A 227 -34.19 14.07 1.08
N LYS A 228 -32.97 13.55 1.22
CA LYS A 228 -32.75 12.12 1.02
C LYS A 228 -33.41 11.29 2.11
N VAL A 229 -33.49 11.80 3.34
CA VAL A 229 -34.21 11.12 4.40
C VAL A 229 -35.70 11.07 4.10
N VAL A 230 -36.23 12.16 3.54
CA VAL A 230 -37.65 12.22 3.20
C VAL A 230 -37.98 11.29 2.03
N GLU A 231 -37.12 11.29 1.00
CA GLU A 231 -37.39 10.46 -0.17
C GLU A 231 -37.16 8.98 0.12
N THR A 232 -36.06 8.65 0.80
CA THR A 232 -35.75 7.26 1.11
C THR A 232 -36.60 6.71 2.24
N GLY A 233 -37.15 7.56 3.09
CA GLY A 233 -38.02 7.10 4.15
C GLY A 233 -37.33 6.36 5.27
N SER A 234 -36.03 6.58 5.44
CA SER A 234 -35.33 6.00 6.58
C SER A 234 -35.73 6.74 7.86
N ASP A 235 -35.39 6.14 9.01
CA ASP A 235 -35.86 6.69 10.28
C ASP A 235 -34.99 7.86 10.74
N LEU A 236 -33.71 7.61 10.98
CA LEU A 236 -32.82 8.61 11.55
C LEU A 236 -31.80 9.06 10.50
N GLY A 237 -31.15 10.18 10.79
CA GLY A 237 -30.15 10.75 9.91
C GLY A 237 -28.74 10.69 10.48
N LEU A 238 -27.78 10.95 9.61
CA LEU A 238 -26.37 11.07 10.00
C LEU A 238 -25.65 11.82 8.90
N ALA A 239 -25.03 12.95 9.24
CA ALA A 239 -24.30 13.78 8.29
C ALA A 239 -22.97 14.16 8.91
N PHE A 240 -21.91 13.48 8.49
CA PHE A 240 -20.59 13.66 9.10
C PHE A 240 -19.95 14.97 8.66
N ASP A 241 -18.91 15.35 9.39
CA ASP A 241 -18.12 16.53 9.08
C ASP A 241 -16.95 16.15 8.18
N GLY A 242 -15.99 17.06 8.02
CA GLY A 242 -14.83 16.77 7.18
C GLY A 242 -13.92 15.72 7.79
N ASP A 243 -13.74 15.74 9.10
CA ASP A 243 -12.78 14.85 9.76
C ASP A 243 -13.46 13.81 10.64
N ALA A 244 -14.76 13.59 10.44
CA ALA A 244 -15.58 12.66 11.23
C ALA A 244 -15.52 12.97 12.72
N ASP A 245 -15.44 14.26 13.06
CA ASP A 245 -15.42 14.71 14.45
C ASP A 245 -16.77 15.25 14.89
N ARG A 246 -17.29 16.25 14.17
CA ARG A 246 -18.58 16.83 14.50
C ARG A 246 -19.70 15.87 14.09
N LEU A 247 -20.92 16.18 14.54
CA LEU A 247 -22.05 15.35 14.20
C LEU A 247 -23.32 16.19 14.17
N ILE A 248 -24.21 15.87 13.24
CA ILE A 248 -25.53 16.50 13.14
C ILE A 248 -26.42 15.53 12.38
N ALA A 249 -27.73 15.69 12.54
CA ALA A 249 -28.66 14.77 11.91
C ALA A 249 -30.01 15.44 11.73
N VAL A 250 -30.81 14.86 10.84
CA VAL A 250 -32.20 15.27 10.66
C VAL A 250 -33.08 14.14 11.14
N ASP A 251 -34.28 14.50 11.61
CA ASP A 251 -35.22 13.52 12.15
C ASP A 251 -35.97 12.85 11.01
N GLU A 252 -36.93 11.98 11.36
CA GLU A 252 -37.82 11.41 10.36
C GLU A 252 -38.82 12.41 9.82
N ASN A 253 -38.94 13.59 10.44
CA ASN A 253 -39.80 14.65 9.93
C ASN A 253 -39.07 15.60 9.00
N GLY A 254 -37.76 15.77 9.16
CA GLY A 254 -36.97 16.56 8.24
C GLY A 254 -36.33 17.80 8.83
N GLU A 255 -36.58 18.10 10.11
CA GLU A 255 -36.06 19.33 10.70
C GLU A 255 -34.58 19.17 11.05
N ILE A 256 -34.03 20.17 11.73
CA ILE A 256 -32.62 20.21 12.09
C ILE A 256 -32.48 19.89 13.56
N VAL A 257 -31.66 18.90 13.89
CA VAL A 257 -31.35 18.54 15.26
C VAL A 257 -30.03 19.22 15.63
N ASP A 258 -30.07 20.08 16.63
CA ASP A 258 -28.92 20.88 17.00
C ASP A 258 -27.85 20.01 17.66
N GLY A 259 -26.62 20.54 17.66
CA GLY A 259 -25.54 19.87 18.38
C GLY A 259 -25.78 19.83 19.87
N ASP A 260 -26.26 20.95 20.43
CA ASP A 260 -26.67 20.96 21.83
C ASP A 260 -27.89 20.08 22.06
N LYS A 261 -28.75 19.93 21.05
CA LYS A 261 -29.87 19.00 21.16
C LYS A 261 -29.39 17.56 21.22
N ILE A 262 -28.40 17.21 20.38
CA ILE A 262 -27.82 15.87 20.44
C ILE A 262 -27.11 15.67 21.78
N MET A 263 -26.50 16.73 22.29
CA MET A 263 -25.88 16.67 23.61
C MET A 263 -26.91 16.41 24.70
N PHE A 264 -28.07 17.07 24.61
CA PHE A 264 -29.13 16.87 25.60
C PHE A 264 -29.70 15.46 25.52
N ILE A 265 -29.84 14.94 24.30
CA ILE A 265 -30.35 13.57 24.13
C ILE A 265 -29.37 12.55 24.71
N VAL A 266 -28.08 12.70 24.38
CA VAL A 266 -27.08 11.78 24.90
C VAL A 266 -26.95 11.91 26.41
N GLY A 267 -27.10 13.13 26.92
CA GLY A 267 -27.05 13.34 28.36
C GLY A 267 -28.23 12.73 29.10
N LYS A 268 -29.43 12.82 28.52
CA LYS A 268 -30.58 12.16 29.12
C LYS A 268 -30.40 10.66 29.12
N TYR A 269 -29.94 10.10 27.99
CA TYR A 269 -29.71 8.65 27.92
C TYR A 269 -28.57 8.22 28.82
N LEU A 270 -27.66 9.13 29.16
CA LEU A 270 -26.58 8.80 30.09
C LEU A 270 -27.06 8.86 31.54
N LEU A 271 -27.56 10.02 31.96
CA LEU A 271 -27.94 10.24 33.35
C LEU A 271 -29.12 9.36 33.76
N GLY A 272 -29.92 8.89 32.81
CA GLY A 272 -30.87 7.84 33.13
C GLY A 272 -30.18 6.54 33.46
N GLN A 273 -29.17 6.17 32.67
CA GLN A 273 -28.53 4.87 32.83
C GLN A 273 -27.34 4.89 33.79
N GLY A 274 -26.94 6.06 34.27
CA GLY A 274 -25.85 6.14 35.23
C GLY A 274 -24.47 5.91 34.65
N LYS A 275 -24.33 5.90 33.33
CA LYS A 275 -23.00 5.72 32.72
C LYS A 275 -22.12 6.95 32.95
N LEU A 276 -22.71 8.15 32.87
CA LEU A 276 -21.97 9.39 33.09
C LEU A 276 -21.74 9.55 34.59
N ALA A 277 -20.73 8.83 35.10
CA ALA A 277 -20.42 8.77 36.52
C ALA A 277 -19.89 10.08 37.08
N GLN A 278 -19.55 11.03 36.20
CA GLN A 278 -19.17 12.39 36.59
C GLN A 278 -20.30 13.38 36.36
N ASP A 279 -21.53 12.99 36.71
CA ASP A 279 -22.81 13.47 36.17
C ASP A 279 -22.91 14.97 35.92
N THR A 280 -22.17 15.79 36.68
CA THR A 280 -22.04 17.20 36.32
C THR A 280 -21.17 17.27 35.08
N LEU A 281 -21.79 17.23 33.90
CA LEU A 281 -21.08 17.16 32.65
C LEU A 281 -20.57 18.54 32.24
N VAL A 282 -19.50 18.56 31.46
CA VAL A 282 -18.96 19.81 30.95
C VAL A 282 -19.87 20.31 29.84
N THR A 283 -19.73 21.60 29.51
CA THR A 283 -20.55 22.22 28.48
C THR A 283 -19.80 23.43 27.92
N THR A 284 -20.28 23.91 26.78
CA THR A 284 -19.72 25.10 26.15
C THR A 284 -20.76 26.22 26.12
N VAL A 285 -20.27 27.44 26.26
CA VAL A 285 -21.14 28.62 26.22
C VAL A 285 -21.24 29.11 24.79
N MET A 286 -20.67 28.35 23.85
CA MET A 286 -20.81 28.69 22.43
C MET A 286 -22.15 28.22 21.88
N SER A 287 -22.84 27.33 22.58
CA SER A 287 -24.18 26.93 22.18
C SER A 287 -25.19 28.02 22.54
N ASN A 288 -26.46 27.73 22.28
CA ASN A 288 -27.52 28.67 22.62
C ASN A 288 -27.69 28.77 24.13
N LEU A 289 -28.10 29.95 24.59
CA LEU A 289 -28.34 30.17 26.01
C LEU A 289 -29.51 29.36 26.54
N GLY A 290 -30.46 28.98 25.67
CA GLY A 290 -31.54 28.11 26.08
C GLY A 290 -31.14 26.66 26.24
N PHE A 291 -30.02 26.26 25.65
CA PHE A 291 -29.50 24.91 25.83
C PHE A 291 -29.12 24.69 27.29
N HIS A 292 -28.49 25.68 27.91
CA HIS A 292 -28.18 25.57 29.35
C HIS A 292 -29.45 25.57 30.19
N LEU A 293 -30.49 26.29 29.76
CA LEU A 293 -31.78 26.23 30.46
C LEU A 293 -32.37 24.84 30.37
N ALA A 294 -32.26 24.20 29.20
CA ALA A 294 -32.72 22.83 29.04
C ALA A 294 -31.92 21.87 29.91
N LEU A 295 -30.60 22.08 29.99
CA LEU A 295 -29.78 21.26 30.85
C LEU A 295 -30.16 21.43 32.32
N GLU A 296 -30.42 22.66 32.74
CA GLU A 296 -30.82 22.91 34.13
C GLU A 296 -32.17 22.32 34.44
N GLU A 297 -33.09 22.31 33.48
CA GLU A 297 -34.35 21.61 33.67
C GLU A 297 -34.16 20.10 33.70
N ALA A 298 -33.15 19.60 32.98
CA ALA A 298 -32.91 18.16 32.91
C ALA A 298 -32.29 17.60 34.19
N GLY A 299 -31.87 18.46 35.12
CA GLY A 299 -31.22 17.99 36.31
C GLY A 299 -29.81 17.48 36.13
N ILE A 300 -29.01 18.13 35.28
CA ILE A 300 -27.61 17.80 35.10
C ILE A 300 -26.80 19.09 35.18
N ASN A 301 -25.86 19.16 36.13
CA ASN A 301 -25.08 20.37 36.32
C ASN A 301 -24.12 20.58 35.16
N SER A 302 -23.89 21.84 34.80
CA SER A 302 -23.08 22.20 33.64
C SER A 302 -22.09 23.31 34.00
N VAL A 303 -20.89 23.22 33.42
CA VAL A 303 -19.87 24.24 33.59
C VAL A 303 -19.70 24.96 32.26
N ILE A 304 -18.87 26.00 32.27
CA ILE A 304 -18.65 26.85 31.09
C ILE A 304 -17.16 26.88 30.77
N THR A 305 -16.81 26.34 29.60
CA THR A 305 -15.47 26.43 29.05
C THR A 305 -15.53 27.24 27.77
N ALA A 306 -14.36 27.72 27.34
CA ALA A 306 -14.28 28.62 26.20
C ALA A 306 -14.65 27.89 24.91
N VAL A 307 -14.92 28.69 23.87
CA VAL A 307 -15.36 28.16 22.59
C VAL A 307 -14.24 27.33 21.98
N GLY A 308 -14.59 26.15 21.51
CA GLY A 308 -13.58 25.20 21.05
C GLY A 308 -13.40 24.09 22.07
N ASP A 309 -12.87 22.97 21.63
CA ASP A 309 -12.76 21.78 22.48
C ASP A 309 -11.44 21.68 23.23
N ARG A 310 -10.51 22.62 23.02
CA ARG A 310 -9.21 22.56 23.68
C ARG A 310 -9.34 22.76 25.18
N TYR A 311 -9.90 23.91 25.59
CA TYR A 311 -10.14 24.15 27.01
C TYR A 311 -11.21 23.22 27.56
N VAL A 312 -12.09 22.69 26.70
CA VAL A 312 -13.06 21.68 27.15
C VAL A 312 -12.36 20.41 27.59
N VAL A 313 -11.41 19.94 26.78
CA VAL A 313 -10.62 18.77 27.15
C VAL A 313 -9.71 19.09 28.33
N GLU A 314 -9.24 20.33 28.42
CA GLU A 314 -8.42 20.74 29.57
C GLU A 314 -9.20 20.66 30.87
N GLU A 315 -10.44 21.16 30.87
CA GLU A 315 -11.28 21.05 32.05
C GLU A 315 -11.69 19.60 32.31
N MET A 316 -11.88 18.81 31.25
CA MET A 316 -12.16 17.39 31.40
C MET A 316 -11.02 16.66 32.09
N LYS A 317 -9.78 17.06 31.78
CA LYS A 317 -8.62 16.50 32.46
C LYS A 317 -8.44 17.07 33.86
N LYS A 318 -8.88 18.31 34.08
CA LYS A 318 -8.71 18.94 35.39
C LYS A 318 -9.66 18.34 36.41
N ASN A 319 -10.97 18.41 36.16
CA ASN A 319 -11.97 18.00 37.13
C ASN A 319 -12.43 16.56 36.95
N ASN A 320 -11.84 15.82 36.01
CA ASN A 320 -12.12 14.40 35.76
C ASN A 320 -13.60 14.19 35.42
N TYR A 321 -14.00 14.76 34.30
CA TYR A 321 -15.34 14.60 33.76
C TYR A 321 -15.28 13.88 32.42
N ASN A 322 -16.41 13.30 32.02
CA ASN A 322 -16.44 12.39 30.88
C ASN A 322 -17.03 13.00 29.62
N PHE A 323 -18.09 13.79 29.72
CA PHE A 323 -18.80 14.31 28.55
C PHE A 323 -18.89 15.82 28.61
N GLY A 324 -18.53 16.48 27.51
CA GLY A 324 -18.64 17.91 27.39
C GLY A 324 -18.04 18.42 26.10
N GLY A 325 -18.71 19.35 25.44
CA GLY A 325 -18.22 19.82 24.15
C GLY A 325 -18.99 21.02 23.66
N GLU A 326 -18.68 21.40 22.42
CA GLU A 326 -19.24 22.56 21.75
C GLU A 326 -20.58 22.20 21.12
N GLN A 327 -21.11 23.10 20.29
CA GLN A 327 -22.39 22.89 19.64
C GLN A 327 -22.25 22.25 18.27
N SER A 328 -21.05 21.90 17.84
CA SER A 328 -20.84 21.30 16.54
C SER A 328 -21.22 19.83 16.48
N GLY A 329 -21.40 19.18 17.63
CA GLY A 329 -21.75 17.78 17.66
C GLY A 329 -20.67 16.84 18.14
N HIS A 330 -19.58 17.37 18.70
CA HIS A 330 -18.49 16.53 19.20
C HIS A 330 -18.93 15.94 20.54
N MET A 331 -19.70 14.85 20.46
CA MET A 331 -20.11 14.10 21.64
C MET A 331 -18.95 13.18 22.05
N ILE A 332 -17.92 13.80 22.62
CA ILE A 332 -16.65 13.14 22.87
C ILE A 332 -16.81 12.30 24.14
N PHE A 333 -17.19 11.04 23.96
CA PHE A 333 -17.25 10.09 25.07
C PHE A 333 -15.81 9.71 25.41
N LEU A 334 -15.22 10.45 26.36
CA LEU A 334 -13.83 10.25 26.75
C LEU A 334 -13.58 8.91 27.41
N ASP A 335 -14.62 8.21 27.86
CA ASP A 335 -14.52 6.85 28.36
C ASP A 335 -14.73 5.82 27.26
N TYR A 336 -14.91 6.27 26.01
CA TYR A 336 -15.09 5.35 24.89
C TYR A 336 -14.11 5.56 23.74
N ASN A 337 -13.46 6.72 23.65
CA ASN A 337 -12.52 7.00 22.56
C ASN A 337 -11.53 8.06 23.03
N THR A 338 -10.78 8.62 22.09
CA THR A 338 -9.77 9.60 22.38
C THR A 338 -10.28 11.04 22.38
N THR A 339 -10.88 11.48 21.29
CA THR A 339 -11.28 12.88 21.15
C THR A 339 -12.56 12.91 20.33
N GLY A 340 -12.90 14.10 19.81
CA GLY A 340 -14.11 14.32 19.04
C GLY A 340 -14.25 13.40 17.84
N ASP A 341 -15.36 12.66 17.79
CA ASP A 341 -15.54 11.57 16.83
C ASP A 341 -17.01 11.54 16.42
N GLY A 342 -17.29 12.02 15.21
CA GLY A 342 -18.66 12.02 14.71
C GLY A 342 -19.22 10.62 14.55
N GLN A 343 -18.38 9.66 14.16
CA GLN A 343 -18.82 8.28 14.09
C GLN A 343 -19.19 7.74 15.47
N LEU A 344 -18.37 8.06 16.48
CA LEU A 344 -18.68 7.62 17.84
C LEU A 344 -19.94 8.30 18.37
N SER A 345 -20.14 9.57 18.03
CA SER A 345 -21.36 10.26 18.42
C SER A 345 -22.58 9.64 17.77
N ALA A 346 -22.48 9.28 16.50
CA ALA A 346 -23.58 8.62 15.81
C ALA A 346 -23.86 7.25 16.41
N ILE A 347 -22.80 6.54 16.81
CA ILE A 347 -22.98 5.25 17.46
C ILE A 347 -23.68 5.40 18.80
N GLN A 348 -23.31 6.42 19.57
CA GLN A 348 -23.97 6.67 20.86
C GLN A 348 -25.43 7.05 20.67
N LEU A 349 -25.73 7.85 19.64
CA LEU A 349 -27.11 8.22 19.37
C LEU A 349 -27.93 7.00 18.92
N LEU A 350 -27.33 6.12 18.12
CA LEU A 350 -28.01 4.89 17.73
C LEU A 350 -28.25 4.00 18.94
N LYS A 351 -27.30 3.96 19.87
CA LYS A 351 -27.50 3.20 21.11
C LYS A 351 -28.63 3.79 21.93
N VAL A 352 -28.71 5.12 21.99
CA VAL A 352 -29.78 5.79 22.74
C VAL A 352 -31.14 5.47 22.11
N MET A 353 -31.22 5.52 20.78
CA MET A 353 -32.48 5.20 20.12
C MET A 353 -32.84 3.72 20.26
N ARG A 354 -31.83 2.84 20.32
CA ARG A 354 -32.11 1.41 20.44
C ARG A 354 -32.59 1.06 21.84
N GLU A 355 -31.95 1.61 22.87
CA GLU A 355 -32.25 1.21 24.24
C GLU A 355 -33.38 2.02 24.86
N THR A 356 -33.57 3.27 24.44
CA THR A 356 -34.55 4.15 25.09
C THR A 356 -35.99 3.80 24.75
N GLY A 357 -36.23 2.91 23.80
CA GLY A 357 -37.57 2.55 23.41
C GLY A 357 -38.19 3.54 22.45
N LYS A 358 -38.27 4.80 22.86
CA LYS A 358 -38.78 5.84 21.98
C LYS A 358 -37.80 6.08 20.84
N SER A 359 -38.33 6.35 19.66
CA SER A 359 -37.51 6.61 18.49
C SER A 359 -36.92 8.02 18.56
N LEU A 360 -36.27 8.42 17.47
CA LEU A 360 -35.62 9.73 17.42
C LEU A 360 -36.62 10.88 17.34
N SER A 361 -37.91 10.60 17.14
CA SER A 361 -38.92 11.65 17.06
C SER A 361 -39.24 12.25 18.42
N GLU A 362 -38.76 11.68 19.52
CA GLU A 362 -39.09 12.16 20.85
C GLU A 362 -37.88 12.55 21.69
N LEU A 363 -36.67 12.16 21.28
CA LEU A 363 -35.49 12.51 22.07
C LEU A 363 -35.16 14.00 21.97
N ALA A 364 -35.23 14.56 20.76
CA ALA A 364 -34.88 15.95 20.55
C ALA A 364 -35.93 16.93 21.04
N SER A 365 -37.08 16.45 21.51
CA SER A 365 -38.15 17.32 22.00
C SER A 365 -37.98 17.70 23.47
N GLU A 366 -36.77 17.59 24.02
CA GLU A 366 -36.53 17.97 25.40
C GLU A 366 -35.96 19.38 25.48
N MET B 1 28.70 20.06 -18.22
CA MET B 1 27.84 19.15 -17.46
C MET B 1 27.09 19.91 -16.37
N GLY B 2 25.95 19.35 -15.96
CA GLY B 2 25.22 19.92 -14.84
C GLY B 2 25.97 19.77 -13.53
N LYS B 3 25.66 20.67 -12.59
CA LYS B 3 26.36 20.68 -11.31
C LYS B 3 26.04 19.42 -10.49
N TYR B 4 24.81 18.93 -10.59
CA TYR B 4 24.40 17.71 -9.92
C TYR B 4 24.11 16.58 -10.90
N PHE B 5 23.23 16.81 -11.86
CA PHE B 5 23.04 15.85 -12.94
C PHE B 5 24.30 15.75 -13.78
N GLY B 6 24.64 14.53 -14.17
CA GLY B 6 25.84 14.30 -14.96
C GLY B 6 25.63 13.30 -16.07
N THR B 7 26.52 12.31 -16.15
CA THR B 7 26.37 11.28 -17.18
C THR B 7 25.16 10.40 -16.90
N ASP B 8 25.18 9.68 -15.79
CA ASP B 8 24.04 8.85 -15.39
C ASP B 8 23.12 9.62 -14.45
N GLY B 9 22.72 10.83 -14.88
CA GLY B 9 21.88 11.66 -14.04
C GLY B 9 22.65 12.27 -12.88
N VAL B 10 21.94 12.48 -11.77
CA VAL B 10 22.52 13.05 -10.56
C VAL B 10 22.75 11.92 -9.56
N ARG B 11 23.99 11.76 -9.13
CA ARG B 11 24.35 10.74 -8.15
C ARG B 11 25.19 11.40 -7.08
N GLY B 12 24.58 11.64 -5.91
CA GLY B 12 25.28 12.25 -4.80
C GLY B 12 24.93 11.54 -3.52
N GLU B 13 25.70 11.84 -2.48
CA GLU B 13 25.48 11.23 -1.17
C GLU B 13 24.18 11.75 -0.56
N ALA B 14 23.34 10.82 -0.10
CA ALA B 14 22.04 11.18 0.45
C ALA B 14 22.21 12.02 1.71
N ASN B 15 21.43 13.11 1.77
CA ASN B 15 21.46 14.09 2.84
C ASN B 15 22.83 14.74 3.03
N VAL B 16 23.71 14.65 2.04
CA VAL B 16 25.03 15.26 2.11
C VAL B 16 25.25 16.14 0.88
N GLU B 17 25.13 15.55 -0.31
CA GLU B 17 25.40 16.27 -1.55
C GLU B 17 24.13 16.90 -2.12
N LEU B 18 23.13 16.07 -2.44
CA LEU B 18 21.84 16.55 -2.92
C LEU B 18 20.84 16.41 -1.78
N THR B 19 20.42 17.54 -1.22
CA THR B 19 19.50 17.54 -0.10
C THR B 19 18.13 17.01 -0.55
N PRO B 20 17.40 16.36 0.34
CA PRO B 20 16.03 15.95 0.00
C PRO B 20 15.12 17.14 -0.30
N GLU B 21 15.39 18.29 0.30
CA GLU B 21 14.68 19.52 -0.09
C GLU B 21 14.99 19.87 -1.53
N MET B 22 16.24 19.70 -1.95
CA MET B 22 16.58 19.92 -3.35
C MET B 22 15.90 18.89 -4.25
N ALA B 23 15.60 17.70 -3.72
CA ALA B 23 14.86 16.72 -4.52
C ALA B 23 13.40 17.10 -4.66
N PHE B 24 12.81 17.65 -3.60
CA PHE B 24 11.45 18.17 -3.70
C PHE B 24 11.38 19.41 -4.58
N LYS B 25 12.51 20.12 -4.74
CA LYS B 25 12.57 21.16 -5.76
C LYS B 25 12.75 20.55 -7.16
N LEU B 26 13.51 19.46 -7.24
CA LEU B 26 13.90 18.90 -8.53
C LEU B 26 12.74 18.21 -9.22
N GLY B 27 11.89 17.51 -8.46
CA GLY B 27 10.73 16.87 -9.06
C GLY B 27 9.77 17.88 -9.68
N ARG B 28 9.50 18.97 -8.95
CA ARG B 28 8.64 20.01 -9.47
C ARG B 28 9.27 20.73 -10.66
N PHE B 29 10.58 21.00 -10.59
CA PHE B 29 11.25 21.65 -11.72
C PHE B 29 11.25 20.76 -12.94
N GLY B 30 11.44 19.45 -12.74
CA GLY B 30 11.35 18.51 -13.84
C GLY B 30 9.95 18.42 -14.42
N GLY B 31 8.93 18.58 -13.58
CA GLY B 31 7.58 18.66 -14.11
C GLY B 31 7.35 19.92 -14.93
N TYR B 32 7.82 21.06 -14.43
CA TYR B 32 7.69 22.34 -15.11
C TYR B 32 8.54 22.42 -16.38
N VAL B 33 9.50 21.51 -16.54
CA VAL B 33 10.18 21.33 -17.82
C VAL B 33 9.67 20.13 -18.61
N LEU B 34 8.83 19.28 -18.00
CA LEU B 34 8.29 18.11 -18.69
C LEU B 34 7.05 18.47 -19.48
N SER B 35 6.22 19.35 -18.94
CA SER B 35 4.97 19.70 -19.62
C SER B 35 5.17 20.78 -20.69
N GLN B 36 6.39 20.97 -21.19
CA GLN B 36 6.64 22.06 -22.13
C GLN B 36 6.10 21.75 -23.52
N HIS B 37 6.26 20.51 -23.99
CA HIS B 37 6.02 20.19 -25.39
C HIS B 37 4.89 19.20 -25.63
N GLU B 38 4.34 18.57 -24.60
CA GLU B 38 3.19 17.68 -24.76
C GLU B 38 1.90 18.50 -24.72
N LEU B 39 0.77 17.83 -24.63
CA LEU B 39 -0.52 18.49 -24.51
C LEU B 39 -1.28 17.88 -23.35
N GLY B 40 -2.05 18.72 -22.67
CA GLY B 40 -2.78 18.28 -21.50
C GLY B 40 -1.84 17.99 -20.34
N THR B 41 -2.42 17.42 -19.30
CA THR B 41 -1.62 16.99 -18.16
C THR B 41 -0.84 15.73 -18.55
N PRO B 42 0.45 15.83 -18.82
CA PRO B 42 1.22 14.63 -19.18
C PRO B 42 1.44 13.73 -17.96
N LYS B 43 1.68 12.46 -18.24
CA LYS B 43 1.86 11.46 -17.20
C LYS B 43 3.29 10.95 -17.21
N VAL B 44 3.67 10.32 -16.11
CA VAL B 44 4.99 9.72 -15.96
C VAL B 44 4.88 8.46 -15.11
N TYR B 45 6.00 7.78 -14.91
CA TYR B 45 6.08 6.65 -13.99
C TYR B 45 7.41 6.74 -13.26
N VAL B 46 7.48 6.09 -12.10
CA VAL B 46 8.66 6.15 -11.25
C VAL B 46 8.95 4.78 -10.65
N GLY B 47 10.24 4.47 -10.54
CA GLY B 47 10.68 3.27 -9.86
C GLY B 47 11.99 3.53 -9.15
N ARG B 48 12.35 2.62 -8.25
CA ARG B 48 13.54 2.82 -7.43
C ARG B 48 14.08 1.47 -6.96
N ASP B 49 15.26 1.50 -6.38
CA ASP B 49 15.94 0.31 -5.90
C ASP B 49 15.41 -0.08 -4.51
N THR B 50 16.12 -0.99 -3.84
CA THR B 50 15.71 -1.49 -2.54
C THR B 50 16.47 -0.83 -1.39
N ARG B 51 17.23 0.22 -1.67
CA ARG B 51 17.99 0.91 -0.63
C ARG B 51 17.06 1.63 0.34
N ILE B 52 17.45 1.66 1.62
CA ILE B 52 16.63 2.31 2.64
C ILE B 52 16.52 3.81 2.36
N SER B 53 17.64 4.46 2.03
CA SER B 53 17.60 5.85 1.64
C SER B 53 16.98 6.06 0.27
N GLY B 54 16.80 4.98 -0.50
CA GLY B 54 16.13 5.10 -1.78
C GLY B 54 14.67 5.49 -1.65
N GLN B 55 14.01 5.05 -0.59
CA GLN B 55 12.61 5.41 -0.39
C GLN B 55 12.44 6.87 -0.03
N MET B 56 13.42 7.46 0.66
CA MET B 56 13.31 8.86 1.07
C MET B 56 13.39 9.80 -0.12
N LEU B 57 14.38 9.62 -0.99
CA LEU B 57 14.52 10.48 -2.15
C LEU B 57 13.38 10.28 -3.14
N ALA B 58 12.92 9.04 -3.31
CA ALA B 58 11.77 8.77 -4.18
C ALA B 58 10.50 9.40 -3.62
N SER B 59 10.31 9.33 -2.30
CA SER B 59 9.16 9.99 -1.68
C SER B 59 9.24 11.50 -1.84
N SER B 60 10.44 12.07 -1.71
CA SER B 60 10.60 13.51 -1.92
C SER B 60 10.29 13.92 -3.35
N LEU B 61 10.74 13.10 -4.32
CA LEU B 61 10.44 13.39 -5.72
C LEU B 61 8.96 13.26 -6.01
N ILE B 62 8.29 12.28 -5.40
CA ILE B 62 6.85 12.14 -5.59
C ILE B 62 6.11 13.31 -4.95
N SER B 63 6.62 13.81 -3.83
CA SER B 63 6.04 14.99 -3.21
C SER B 63 6.19 16.22 -4.09
N GLY B 64 7.36 16.39 -4.71
CA GLY B 64 7.54 17.47 -5.66
C GLY B 64 6.75 17.30 -6.93
N LEU B 65 6.35 16.06 -7.26
CA LEU B 65 5.58 15.81 -8.47
C LEU B 65 4.17 16.40 -8.38
N LEU B 66 3.64 16.56 -7.17
CA LEU B 66 2.34 17.18 -6.99
C LEU B 66 2.43 18.68 -6.80
N SER B 67 3.48 19.32 -7.32
CA SER B 67 3.64 20.76 -7.20
C SER B 67 3.34 21.48 -8.51
N VAL B 68 3.78 20.91 -9.64
CA VAL B 68 3.48 21.49 -10.95
C VAL B 68 2.39 20.75 -11.69
N GLY B 69 1.87 19.67 -11.13
CA GLY B 69 0.75 18.98 -11.73
C GLY B 69 1.15 17.73 -12.49
N ILE B 70 2.18 17.04 -12.01
CA ILE B 70 2.63 15.80 -12.65
C ILE B 70 1.94 14.62 -12.00
N GLU B 71 0.98 14.03 -12.71
CA GLU B 71 0.26 12.87 -12.22
C GLU B 71 1.14 11.63 -12.34
N VAL B 72 1.22 10.85 -11.27
CA VAL B 72 2.11 9.70 -11.20
C VAL B 72 1.30 8.45 -10.89
N TYR B 73 1.44 7.44 -11.73
CA TYR B 73 0.94 6.09 -11.44
C TYR B 73 2.16 5.17 -11.44
N ASP B 74 2.83 5.10 -10.29
CA ASP B 74 4.19 4.58 -10.23
C ASP B 74 4.27 3.38 -9.30
N LEU B 75 5.49 2.89 -9.14
CA LEU B 75 5.79 1.79 -8.21
C LEU B 75 7.06 2.17 -7.46
N GLY B 76 7.60 1.22 -6.70
CA GLY B 76 8.80 1.49 -5.95
C GLY B 76 9.87 0.41 -6.00
N VAL B 77 9.57 -0.73 -6.63
CA VAL B 77 10.54 -1.78 -6.79
C VAL B 77 10.54 -2.30 -8.22
N ILE B 78 11.40 -1.72 -9.06
CA ILE B 78 11.60 -2.20 -10.41
C ILE B 78 13.00 -1.80 -10.87
N ALA B 79 13.46 -2.36 -11.98
CA ALA B 79 14.72 -1.96 -12.58
C ALA B 79 14.51 -0.72 -13.44
N THR B 80 15.60 -0.08 -13.84
CA THR B 80 15.57 1.01 -14.82
C THR B 80 14.96 0.51 -16.11
N PRO B 81 15.28 -0.73 -16.52
CA PRO B 81 14.59 -1.33 -17.66
C PRO B 81 13.08 -1.43 -17.49
N GLY B 82 12.61 -1.67 -16.26
CA GLY B 82 11.18 -1.71 -16.04
C GLY B 82 10.51 -0.37 -16.26
N VAL B 83 11.11 0.70 -15.76
CA VAL B 83 10.56 2.04 -15.98
C VAL B 83 10.65 2.42 -17.45
N ALA B 84 11.72 2.00 -18.13
CA ALA B 84 11.84 2.29 -19.56
C ALA B 84 10.77 1.57 -20.36
N TYR B 85 10.52 0.28 -20.06
CA TYR B 85 9.49 -0.46 -20.78
C TYR B 85 8.10 0.08 -20.48
N LEU B 86 7.86 0.48 -19.23
CA LEU B 86 6.57 1.09 -18.89
C LEU B 86 6.38 2.43 -19.59
N VAL B 87 7.45 3.21 -19.75
CA VAL B 87 7.34 4.47 -20.48
C VAL B 87 7.09 4.20 -21.96
N LYS B 88 7.71 3.16 -22.50
CA LYS B 88 7.56 2.87 -23.93
C LYS B 88 6.16 2.35 -24.25
N LYS B 89 5.63 1.48 -23.41
CA LYS B 89 4.31 0.89 -23.70
C LYS B 89 3.17 1.70 -23.10
N ASP B 90 3.48 2.70 -22.26
CA ASP B 90 2.42 3.48 -21.61
C ASP B 90 2.15 4.80 -22.30
N GLY B 91 2.99 5.20 -23.25
CA GLY B 91 2.76 6.45 -23.95
C GLY B 91 2.86 7.68 -23.08
N ALA B 92 3.58 7.59 -21.97
CA ALA B 92 3.68 8.69 -21.02
C ALA B 92 4.72 9.70 -21.51
N SER B 93 5.06 10.66 -20.66
CA SER B 93 6.00 11.71 -21.06
C SER B 93 7.33 11.66 -20.32
N ALA B 94 7.43 10.91 -19.22
CA ALA B 94 8.68 10.89 -18.46
C ALA B 94 8.80 9.60 -17.69
N GLY B 95 10.04 9.31 -17.27
CA GLY B 95 10.35 8.15 -16.46
C GLY B 95 11.65 8.33 -15.69
N VAL B 96 11.63 8.07 -14.38
CA VAL B 96 12.77 8.32 -13.51
C VAL B 96 13.03 7.09 -12.65
N MET B 97 14.30 6.71 -12.55
CA MET B 97 14.73 5.59 -11.72
C MET B 97 15.69 6.10 -10.65
N ILE B 98 15.41 5.76 -9.39
CA ILE B 98 16.15 6.28 -8.25
C ILE B 98 17.03 5.15 -7.72
N SER B 99 18.31 5.17 -8.10
CA SER B 99 19.29 4.18 -7.66
C SER B 99 20.69 4.66 -8.03
N ALA B 100 21.65 4.36 -7.16
CA ALA B 100 23.05 4.68 -7.42
C ALA B 100 23.81 3.53 -8.08
N SER B 101 23.12 2.42 -8.36
CA SER B 101 23.65 1.27 -9.11
C SER B 101 24.82 0.65 -8.35
N HIS B 102 26.01 0.53 -8.95
CA HIS B 102 27.07 -0.32 -8.43
C HIS B 102 27.73 0.23 -7.16
N ASN B 103 27.46 1.47 -6.79
CA ASN B 103 28.13 2.10 -5.67
C ASN B 103 27.56 1.58 -4.35
N PRO B 104 28.11 2.03 -3.22
CA PRO B 104 27.54 1.62 -1.93
C PRO B 104 26.25 2.35 -1.59
N ALA B 105 25.68 2.06 -0.43
CA ALA B 105 24.41 2.64 -0.05
C ALA B 105 24.50 4.08 0.42
N LEU B 106 25.72 4.63 0.55
CA LEU B 106 25.91 5.98 1.05
C LEU B 106 25.48 7.06 0.05
N ASP B 107 25.17 6.69 -1.17
CA ASP B 107 24.67 7.63 -2.17
C ASP B 107 23.48 7.01 -2.88
N ASN B 108 22.62 7.88 -3.43
CA ASN B 108 21.50 7.46 -4.25
C ASN B 108 21.55 8.26 -5.55
N GLY B 109 20.97 7.69 -6.61
CA GLY B 109 21.04 8.32 -7.90
C GLY B 109 19.71 8.48 -8.62
N ILE B 110 19.32 9.73 -8.89
CA ILE B 110 18.07 10.03 -9.56
C ILE B 110 18.38 10.50 -10.96
N LYS B 111 17.80 9.83 -11.95
CA LYS B 111 17.98 10.20 -13.34
C LYS B 111 16.66 10.04 -14.08
N PHE B 112 16.29 11.04 -14.87
CA PHE B 112 15.08 11.00 -15.65
C PHE B 112 15.41 10.51 -17.06
N PHE B 113 14.63 9.55 -17.53
CA PHE B 113 14.87 8.94 -18.84
C PHE B 113 14.18 9.75 -19.93
N GLY B 114 14.21 9.23 -21.15
CA GLY B 114 13.48 9.80 -22.28
C GLY B 114 12.31 8.90 -22.65
N GLY B 115 11.18 9.53 -22.94
CA GLY B 115 9.96 8.79 -23.18
C GLY B 115 9.99 7.95 -24.45
N ASP B 116 10.85 8.32 -25.40
CA ASP B 116 10.98 7.57 -26.64
C ASP B 116 11.55 6.18 -26.41
N GLY B 117 12.31 5.98 -25.34
CA GLY B 117 12.88 4.67 -25.05
C GLY B 117 14.33 4.75 -24.60
N TYR B 118 15.07 5.72 -25.13
CA TYR B 118 16.43 5.96 -24.69
C TYR B 118 16.41 6.86 -23.45
N LYS B 119 17.59 7.28 -23.01
CA LYS B 119 17.64 8.23 -21.90
C LYS B 119 17.23 9.62 -22.38
N LEU B 120 17.05 10.52 -21.42
CA LEU B 120 16.70 11.90 -21.75
C LEU B 120 17.87 12.58 -22.44
N GLU B 121 17.55 13.43 -23.41
CA GLU B 121 18.57 14.08 -24.23
C GLU B 121 19.19 15.24 -23.46
N ASP B 122 20.04 16.01 -24.15
CA ASP B 122 20.76 17.10 -23.50
C ASP B 122 19.84 18.26 -23.15
N GLU B 123 18.83 18.52 -23.98
CA GLU B 123 17.96 19.68 -23.79
C GLU B 123 17.17 19.56 -22.49
N LYS B 124 16.67 18.35 -22.18
CA LYS B 124 15.84 18.15 -21.00
C LYS B 124 16.63 18.42 -19.72
N GLU B 125 17.81 17.81 -19.59
CA GLU B 125 18.63 18.03 -18.40
C GLU B 125 19.16 19.45 -18.33
N LEU B 126 19.46 20.06 -19.48
CA LEU B 126 19.93 21.44 -19.51
C LEU B 126 18.85 22.39 -19.00
N GLU B 127 17.61 22.20 -19.45
CA GLU B 127 16.52 23.07 -18.99
C GLU B 127 16.18 22.82 -17.54
N ILE B 128 16.27 21.56 -17.09
CA ILE B 128 15.99 21.26 -15.68
C ILE B 128 17.05 21.90 -14.79
N GLU B 129 18.32 21.84 -15.21
CA GLU B 129 19.37 22.50 -14.46
C GLU B 129 19.22 24.02 -14.50
N ALA B 130 18.71 24.55 -15.62
CA ALA B 130 18.43 25.99 -15.69
C ALA B 130 17.33 26.37 -14.71
N LEU B 131 16.30 25.54 -14.59
CA LEU B 131 15.22 25.81 -13.65
C LEU B 131 15.69 25.72 -12.20
N ILE B 132 16.52 24.72 -11.89
CA ILE B 132 17.00 24.55 -10.52
C ILE B 132 17.96 25.66 -10.14
N ASP B 133 18.88 26.00 -11.03
CA ASP B 133 19.90 27.01 -10.74
C ASP B 133 19.38 28.43 -10.87
N ALA B 134 18.14 28.62 -11.33
CA ALA B 134 17.56 29.95 -11.34
C ALA B 134 17.29 30.41 -9.91
N GLU B 135 17.61 31.68 -9.64
CA GLU B 135 17.50 32.21 -8.29
C GLU B 135 16.04 32.38 -7.87
N GLU B 136 15.19 32.81 -8.79
CA GLU B 136 13.83 33.19 -8.44
C GLU B 136 12.95 31.95 -8.29
N ASP B 137 11.64 32.16 -8.17
CA ASP B 137 10.66 31.08 -8.06
C ASP B 137 9.51 31.40 -8.99
N THR B 138 9.33 30.58 -10.02
CA THR B 138 8.28 30.77 -11.02
C THR B 138 7.46 29.52 -11.28
N LEU B 139 7.70 28.45 -10.54
CA LEU B 139 6.92 27.23 -10.71
C LEU B 139 5.48 27.47 -10.26
N PRO B 140 4.49 27.29 -11.13
CA PRO B 140 3.10 27.43 -10.71
C PRO B 140 2.71 26.34 -9.73
N ARG B 141 1.76 26.69 -8.86
CA ARG B 141 1.30 25.78 -7.80
C ARG B 141 -0.21 25.56 -7.93
N PRO B 142 -0.65 24.38 -8.39
CA PRO B 142 -2.08 24.15 -8.64
C PRO B 142 -2.84 23.82 -7.37
N SER B 143 -3.70 24.74 -6.93
CA SER B 143 -4.52 24.58 -5.75
C SER B 143 -5.92 24.07 -6.09
N ALA B 144 -6.57 24.69 -7.08
CA ALA B 144 -7.90 24.29 -7.50
C ALA B 144 -7.81 23.07 -8.41
N GLN B 145 -8.91 22.75 -9.10
CA GLN B 145 -8.93 21.60 -10.00
C GLN B 145 -7.95 21.78 -11.14
N GLY B 146 -7.11 20.78 -11.35
CA GLY B 146 -5.99 20.86 -12.26
C GLY B 146 -4.76 20.20 -11.67
N LEU B 147 -4.65 20.22 -10.35
CA LEU B 147 -3.64 19.43 -9.67
C LEU B 147 -4.03 17.96 -9.70
N GLY B 148 -3.03 17.10 -9.94
CA GLY B 148 -3.29 15.68 -10.05
C GLY B 148 -3.34 15.00 -8.68
N MET B 149 -3.62 13.71 -8.73
CA MET B 149 -3.60 12.88 -7.54
C MET B 149 -2.81 11.61 -7.85
N LEU B 150 -1.91 11.24 -6.95
CA LEU B 150 -1.06 10.09 -7.16
C LEU B 150 -1.86 8.79 -7.10
N HIS B 151 -1.35 7.78 -7.79
CA HIS B 151 -1.99 6.47 -7.82
C HIS B 151 -0.93 5.39 -7.76
N ASP B 152 -1.30 4.25 -7.18
CA ASP B 152 -0.40 3.12 -7.08
C ASP B 152 -0.53 2.23 -8.31
N TYR B 153 0.60 1.88 -8.90
CA TYR B 153 0.64 1.02 -10.09
C TYR B 153 1.20 -0.35 -9.75
N ILE B 154 0.78 -0.90 -8.60
CA ILE B 154 1.29 -2.18 -8.12
C ILE B 154 0.93 -3.32 -9.07
N GLU B 155 -0.20 -3.21 -9.77
CA GLU B 155 -0.51 -4.17 -10.82
C GLU B 155 0.28 -3.91 -12.10
N GLY B 156 0.89 -2.74 -12.21
CA GLY B 156 1.64 -2.40 -13.41
C GLY B 156 2.97 -3.12 -13.56
N VAL B 157 3.53 -3.61 -12.44
CA VAL B 157 4.79 -4.35 -12.52
C VAL B 157 4.59 -5.70 -13.18
N ARG B 158 3.36 -6.22 -13.18
CA ARG B 158 3.07 -7.46 -13.89
C ARG B 158 3.26 -7.31 -15.39
N LYS B 159 3.05 -6.10 -15.93
CA LYS B 159 3.34 -5.85 -17.34
C LYS B 159 4.83 -5.97 -17.61
N TYR B 160 5.66 -5.42 -16.72
CA TYR B 160 7.11 -5.53 -16.89
C TYR B 160 7.58 -6.96 -16.71
N GLN B 161 6.91 -7.74 -15.86
CA GLN B 161 7.29 -9.14 -15.68
C GLN B 161 6.86 -9.99 -16.88
N ALA B 162 5.71 -9.67 -17.47
CA ALA B 162 5.21 -10.45 -18.60
C ALA B 162 5.94 -10.12 -19.88
N PHE B 163 6.27 -8.84 -20.08
CA PHE B 163 6.92 -8.41 -21.32
C PHE B 163 8.30 -9.04 -21.47
N LEU B 164 9.05 -9.13 -20.36
CA LEU B 164 10.31 -9.86 -20.38
C LEU B 164 10.08 -11.34 -20.65
N LYS B 165 9.03 -11.91 -20.03
CA LYS B 165 8.66 -13.30 -20.34
C LYS B 165 8.19 -13.43 -21.78
N THR B 166 7.48 -12.41 -22.29
CA THR B 166 7.12 -12.39 -23.70
C THR B 166 8.35 -12.27 -24.59
N THR B 167 9.29 -11.41 -24.20
CA THR B 167 10.50 -11.23 -24.99
C THR B 167 11.43 -12.44 -24.91
N ALA B 168 11.22 -13.33 -23.95
CA ALA B 168 12.00 -14.55 -23.89
C ALA B 168 11.75 -15.44 -25.11
N GLU B 169 10.49 -15.52 -25.54
CA GLU B 169 10.07 -16.29 -26.73
C GLU B 169 10.49 -17.75 -26.65
N GLY B 170 10.33 -18.33 -25.47
CA GLY B 170 10.72 -19.70 -25.23
C GLY B 170 10.87 -19.98 -23.75
N ASN B 171 10.44 -21.15 -23.31
CA ASN B 171 10.49 -21.49 -21.90
C ASN B 171 11.94 -21.66 -21.45
N PHE B 172 12.20 -21.24 -20.22
CA PHE B 172 13.50 -21.39 -19.58
C PHE B 172 13.55 -22.64 -18.71
N GLU B 173 12.73 -23.62 -19.06
CA GLU B 173 12.76 -24.90 -18.36
C GLU B 173 13.98 -25.70 -18.77
N GLY B 174 14.25 -26.78 -18.04
CA GLY B 174 15.36 -27.64 -18.36
C GLY B 174 16.68 -27.16 -17.81
N TYR B 175 17.15 -26.01 -18.28
CA TYR B 175 18.38 -25.42 -17.77
C TYR B 175 18.16 -24.98 -16.33
N LYS B 176 18.74 -25.71 -15.39
CA LYS B 176 18.55 -25.44 -13.97
C LYS B 176 19.33 -24.18 -13.60
N VAL B 177 18.61 -23.09 -13.35
CA VAL B 177 19.21 -21.78 -13.16
C VAL B 177 19.38 -21.50 -11.68
N VAL B 178 20.33 -20.62 -11.37
CA VAL B 178 20.54 -20.11 -10.02
C VAL B 178 20.65 -18.59 -10.14
N LEU B 179 19.53 -17.90 -9.96
CA LEU B 179 19.49 -16.45 -10.09
C LEU B 179 20.17 -15.80 -8.90
N ASP B 180 20.70 -14.60 -9.12
CA ASP B 180 21.38 -13.82 -8.07
C ASP B 180 20.91 -12.37 -8.14
N THR B 181 19.82 -12.07 -7.43
CA THR B 181 19.38 -10.68 -7.32
C THR B 181 20.35 -9.86 -6.47
N ALA B 182 20.76 -10.41 -5.34
CA ALA B 182 21.74 -9.82 -4.43
C ALA B 182 21.31 -8.42 -3.97
N ASN B 183 20.15 -8.39 -3.30
CA ASN B 183 19.59 -7.18 -2.68
C ASN B 183 19.44 -6.04 -3.68
N GLY B 184 18.95 -6.37 -4.87
CA GLY B 184 18.71 -5.41 -5.92
C GLY B 184 17.24 -5.14 -6.15
N ALA B 185 16.83 -5.23 -7.40
CA ALA B 185 15.43 -5.06 -7.78
C ALA B 185 14.85 -6.30 -8.43
N ALA B 186 15.64 -7.37 -8.56
CA ALA B 186 15.19 -8.58 -9.23
C ALA B 186 14.37 -9.49 -8.33
N TYR B 187 14.17 -9.11 -7.06
CA TYR B 187 13.25 -9.85 -6.20
C TYR B 187 11.80 -9.62 -6.58
N THR B 188 11.52 -8.68 -7.48
CA THR B 188 10.16 -8.35 -7.88
C THR B 188 9.77 -8.93 -9.22
N SER B 189 10.72 -9.19 -10.11
CA SER B 189 10.39 -9.67 -11.45
C SER B 189 11.09 -10.96 -11.83
N ALA B 190 12.37 -11.12 -11.46
CA ALA B 190 13.16 -12.24 -11.97
C ALA B 190 12.73 -13.56 -11.34
N ARG B 191 12.43 -13.56 -10.05
CA ARG B 191 11.99 -14.79 -9.39
C ARG B 191 10.68 -15.29 -9.97
N ALA B 192 9.72 -14.38 -10.18
CA ALA B 192 8.44 -14.76 -10.78
C ALA B 192 8.62 -15.20 -12.22
N VAL B 193 9.49 -14.52 -12.97
CA VAL B 193 9.70 -14.86 -14.37
C VAL B 193 10.35 -16.23 -14.51
N PHE B 194 11.28 -16.55 -13.63
CA PHE B 194 11.94 -17.86 -13.69
C PHE B 194 11.03 -18.97 -13.19
N ALA B 195 10.24 -18.70 -12.13
CA ALA B 195 9.33 -19.71 -11.62
C ALA B 195 8.22 -20.00 -12.62
N ASP B 196 7.73 -18.98 -13.31
CA ASP B 196 6.74 -19.21 -14.37
C ASP B 196 7.35 -19.96 -15.55
N LEU B 197 8.65 -19.82 -15.76
CA LEU B 197 9.33 -20.46 -16.87
C LEU B 197 9.78 -21.89 -16.57
N GLU B 198 9.31 -22.47 -15.46
CA GLU B 198 9.64 -23.82 -15.03
C GLU B 198 11.15 -24.03 -14.89
N ALA B 199 11.84 -23.01 -14.39
CA ALA B 199 13.28 -23.07 -14.18
C ALA B 199 13.57 -23.53 -12.75
N ASN B 200 14.83 -23.43 -12.33
CA ASN B 200 15.24 -23.75 -10.98
C ASN B 200 15.42 -22.45 -10.20
N LEU B 201 15.12 -22.51 -8.90
CA LEU B 201 15.17 -21.34 -8.04
C LEU B 201 16.16 -21.54 -6.92
N THR B 202 17.20 -20.71 -6.90
CA THR B 202 18.15 -20.64 -5.80
C THR B 202 18.75 -19.24 -5.83
N VAL B 203 18.27 -18.36 -4.96
CA VAL B 203 18.62 -16.94 -4.99
C VAL B 203 19.39 -16.59 -3.73
N ILE B 204 20.52 -15.91 -3.90
CA ILE B 204 21.38 -15.49 -2.80
C ILE B 204 21.19 -13.99 -2.60
N GLY B 205 20.93 -13.59 -1.35
CA GLY B 205 20.65 -12.20 -1.05
C GLY B 205 19.39 -11.67 -1.68
N GLU B 206 18.37 -12.51 -1.81
CA GLU B 206 17.10 -12.11 -2.41
C GLU B 206 16.26 -11.26 -1.49
N ASN B 207 16.58 -11.19 -0.21
CA ASN B 207 15.82 -10.40 0.74
C ASN B 207 16.46 -9.03 0.91
N PRO B 208 15.78 -7.95 0.54
CA PRO B 208 16.36 -6.62 0.77
C PRO B 208 16.47 -6.32 2.26
N ASP B 209 17.51 -5.58 2.63
CA ASP B 209 17.75 -5.23 4.01
C ASP B 209 17.75 -3.73 4.29
N GLY B 210 17.95 -2.90 3.27
CA GLY B 210 17.95 -1.46 3.46
C GLY B 210 19.33 -0.85 3.34
N LEU B 211 20.33 -1.52 3.91
CA LEU B 211 21.72 -1.09 3.77
C LEU B 211 22.59 -2.18 3.15
N ASN B 212 21.98 -3.19 2.54
CA ASN B 212 22.71 -4.32 1.96
C ASN B 212 22.71 -4.32 0.44
N ILE B 213 22.20 -3.27 -0.19
CA ILE B 213 22.15 -3.22 -1.65
C ILE B 213 23.55 -3.00 -2.20
N ASN B 214 23.99 -3.92 -3.06
CA ASN B 214 25.33 -3.92 -3.65
C ASN B 214 26.43 -3.87 -2.60
N VAL B 215 26.24 -4.60 -1.49
CA VAL B 215 27.23 -4.68 -0.42
C VAL B 215 27.63 -6.14 -0.28
N LYS B 216 28.87 -6.45 -0.69
CA LYS B 216 29.49 -7.77 -0.58
C LYS B 216 28.74 -8.86 -1.35
N VAL B 217 27.85 -8.45 -2.26
CA VAL B 217 27.12 -9.38 -3.11
C VAL B 217 26.58 -8.62 -4.32
N GLY B 218 26.76 -9.18 -5.51
CA GLY B 218 26.24 -8.58 -6.72
C GLY B 218 27.32 -8.30 -7.74
N SER B 219 27.15 -7.19 -8.48
CA SER B 219 28.06 -6.86 -9.57
C SER B 219 29.43 -6.42 -9.08
N THR B 220 29.53 -5.85 -7.89
CA THR B 220 30.80 -5.42 -7.33
C THR B 220 31.44 -6.47 -6.42
N HIS B 221 30.80 -7.62 -6.25
CA HIS B 221 31.30 -8.73 -5.45
C HIS B 221 30.58 -10.01 -5.86
N PRO B 222 31.00 -10.63 -6.97
CA PRO B 222 30.24 -11.77 -7.48
C PRO B 222 30.65 -13.11 -6.89
N GLU B 223 31.35 -13.09 -5.75
CA GLU B 223 31.89 -14.32 -5.18
C GLU B 223 30.79 -15.25 -4.67
N ALA B 224 29.79 -14.70 -3.97
CA ALA B 224 28.82 -15.53 -3.28
C ALA B 224 27.90 -16.26 -4.26
N MET B 225 27.52 -15.59 -5.35
CA MET B 225 26.65 -16.22 -6.34
C MET B 225 27.33 -17.41 -7.00
N ALA B 226 28.60 -17.24 -7.38
CA ALA B 226 29.36 -18.33 -7.98
C ALA B 226 29.57 -19.47 -6.99
N LYS B 227 29.85 -19.13 -5.72
CA LYS B 227 30.07 -20.15 -4.71
C LYS B 227 28.81 -20.98 -4.48
N LYS B 228 27.65 -20.31 -4.37
CA LYS B 228 26.40 -21.02 -4.14
C LYS B 228 25.97 -21.81 -5.36
N VAL B 229 26.23 -21.29 -6.56
CA VAL B 229 25.89 -22.03 -7.78
C VAL B 229 26.75 -23.26 -7.93
N VAL B 230 28.03 -23.17 -7.56
CA VAL B 230 28.89 -24.35 -7.61
C VAL B 230 28.49 -25.35 -6.52
N GLU B 231 28.10 -24.87 -5.35
CA GLU B 231 27.77 -25.77 -4.25
C GLU B 231 26.44 -26.47 -4.44
N THR B 232 25.50 -25.82 -5.13
CA THR B 232 24.18 -26.38 -5.33
C THR B 232 24.04 -27.09 -6.68
N GLY B 233 25.14 -27.28 -7.41
CA GLY B 233 25.11 -27.96 -8.69
C GLY B 233 24.34 -27.25 -9.77
N SER B 234 24.49 -25.94 -9.88
CA SER B 234 23.80 -25.18 -10.90
C SER B 234 24.44 -25.41 -12.26
N ASP B 235 23.60 -25.72 -13.26
CA ASP B 235 24.08 -25.84 -14.63
C ASP B 235 24.29 -24.49 -15.30
N LEU B 236 23.77 -23.42 -14.72
CA LEU B 236 23.97 -22.08 -15.25
C LEU B 236 23.78 -21.09 -14.10
N GLY B 237 24.62 -20.07 -14.09
CA GLY B 237 24.55 -19.05 -13.05
C GLY B 237 24.56 -17.66 -13.65
N LEU B 238 23.59 -16.85 -13.23
CA LEU B 238 23.48 -15.47 -13.67
C LEU B 238 23.31 -14.58 -12.45
N ALA B 239 23.83 -13.36 -12.55
CA ALA B 239 23.76 -12.40 -11.45
C ALA B 239 23.38 -11.03 -12.01
N PHE B 240 22.81 -10.21 -11.15
CA PHE B 240 22.37 -8.88 -11.51
C PHE B 240 23.09 -7.84 -10.66
N ASP B 241 22.70 -6.59 -10.82
CA ASP B 241 23.26 -5.47 -10.08
C ASP B 241 22.17 -4.82 -9.24
N GLY B 242 22.57 -3.78 -8.49
CA GLY B 242 21.62 -3.11 -7.62
C GLY B 242 20.51 -2.39 -8.39
N ASP B 243 20.90 -1.58 -9.36
CA ASP B 243 19.94 -1.00 -10.29
C ASP B 243 19.68 -1.89 -11.49
N ALA B 244 20.28 -3.09 -11.50
CA ALA B 244 20.22 -4.05 -12.62
C ALA B 244 20.74 -3.44 -13.91
N ASP B 245 21.63 -2.45 -13.79
CA ASP B 245 22.21 -1.83 -14.98
C ASP B 245 23.11 -2.81 -15.73
N ARG B 246 24.03 -3.44 -15.03
CA ARG B 246 24.96 -4.36 -15.66
C ARG B 246 24.41 -5.78 -15.57
N LEU B 247 25.25 -6.76 -15.93
CA LEU B 247 24.92 -8.16 -15.76
C LEU B 247 26.22 -8.94 -15.73
N ILE B 248 26.32 -9.90 -14.82
CA ILE B 248 27.50 -10.74 -14.68
C ILE B 248 27.06 -12.19 -14.71
N ALA B 249 27.97 -13.06 -15.12
CA ALA B 249 27.66 -14.46 -15.35
C ALA B 249 28.53 -15.35 -14.48
N VAL B 250 27.91 -16.39 -13.92
CA VAL B 250 28.59 -17.37 -13.08
C VAL B 250 28.67 -18.67 -13.86
N ASP B 251 29.90 -19.12 -14.12
CA ASP B 251 30.12 -20.32 -14.93
C ASP B 251 30.08 -21.55 -14.06
N GLU B 252 29.90 -22.70 -14.72
CA GLU B 252 29.85 -23.97 -14.01
C GLU B 252 31.19 -24.34 -13.40
N ASN B 253 32.28 -23.87 -13.99
CA ASN B 253 33.62 -24.19 -13.52
C ASN B 253 34.03 -23.39 -12.30
N GLY B 254 33.17 -22.50 -11.81
CA GLY B 254 33.50 -21.70 -10.64
C GLY B 254 34.33 -20.48 -10.95
N GLU B 255 34.58 -20.18 -12.21
CA GLU B 255 35.30 -18.98 -12.61
C GLU B 255 34.33 -17.82 -12.75
N ILE B 256 34.81 -16.72 -13.31
CA ILE B 256 34.00 -15.53 -13.55
C ILE B 256 33.85 -15.35 -15.05
N VAL B 257 32.60 -15.26 -15.51
CA VAL B 257 32.28 -15.00 -16.92
C VAL B 257 31.77 -13.58 -17.02
N ASP B 258 32.45 -12.77 -17.82
CA ASP B 258 32.28 -11.33 -17.81
C ASP B 258 31.41 -10.86 -18.98
N GLY B 259 31.23 -9.55 -19.06
CA GLY B 259 30.40 -8.95 -20.07
C GLY B 259 30.94 -9.08 -21.49
N ASP B 260 32.27 -9.14 -21.64
CA ASP B 260 32.84 -9.38 -22.95
C ASP B 260 32.49 -10.76 -23.47
N LYS B 261 32.57 -11.78 -22.60
CA LYS B 261 32.16 -13.12 -22.99
C LYS B 261 30.66 -13.17 -23.27
N ILE B 262 29.88 -12.42 -22.50
CA ILE B 262 28.43 -12.36 -22.72
C ILE B 262 28.13 -11.76 -24.08
N MET B 263 28.82 -10.67 -24.43
CA MET B 263 28.62 -10.04 -25.72
C MET B 263 29.06 -10.95 -26.86
N PHE B 264 30.16 -11.68 -26.68
CA PHE B 264 30.61 -12.62 -27.70
C PHE B 264 29.61 -13.74 -27.91
N ILE B 265 29.05 -14.27 -26.81
CA ILE B 265 28.06 -15.33 -26.91
C ILE B 265 26.79 -14.84 -27.59
N VAL B 266 26.32 -13.64 -27.22
CA VAL B 266 25.11 -13.09 -27.82
C VAL B 266 25.33 -12.79 -29.29
N GLY B 267 26.52 -12.29 -29.64
CA GLY B 267 26.82 -12.01 -31.04
C GLY B 267 26.89 -13.27 -31.88
N LYS B 268 27.50 -14.33 -31.36
CA LYS B 268 27.55 -15.59 -32.10
C LYS B 268 26.15 -16.18 -32.26
N TYR B 269 25.33 -16.12 -31.20
CA TYR B 269 23.98 -16.67 -31.27
C TYR B 269 23.12 -15.88 -32.24
N LEU B 270 23.31 -14.57 -32.29
CA LEU B 270 22.56 -13.78 -33.26
C LEU B 270 23.09 -13.97 -34.67
N LEU B 271 24.38 -14.29 -34.80
CA LEU B 271 24.93 -14.63 -36.11
C LEU B 271 24.34 -15.94 -36.62
N GLY B 272 24.12 -16.89 -35.72
CA GLY B 272 23.50 -18.14 -36.11
C GLY B 272 22.05 -17.97 -36.54
N GLN B 273 21.30 -17.12 -35.84
CA GLN B 273 19.91 -16.89 -36.14
C GLN B 273 19.69 -15.73 -37.11
N GLY B 274 20.76 -15.07 -37.55
CA GLY B 274 20.67 -14.00 -38.52
C GLY B 274 19.93 -12.77 -38.03
N LYS B 275 20.20 -12.34 -36.80
CA LYS B 275 19.59 -11.16 -36.23
C LYS B 275 20.57 -10.28 -35.46
N LEU B 276 21.86 -10.40 -35.71
CA LEU B 276 22.84 -9.50 -35.09
C LEU B 276 22.63 -8.08 -35.56
N ALA B 277 22.84 -7.85 -36.85
CA ALA B 277 22.76 -6.52 -37.44
C ALA B 277 22.72 -6.64 -38.96
N GLN B 278 22.89 -5.52 -39.66
CA GLN B 278 23.27 -5.61 -41.06
C GLN B 278 24.61 -6.34 -41.13
N ASP B 279 25.67 -5.73 -40.61
CA ASP B 279 26.89 -6.48 -40.38
C ASP B 279 27.63 -6.06 -39.12
N THR B 280 27.16 -5.02 -38.43
CA THR B 280 27.99 -4.34 -37.43
C THR B 280 27.31 -4.26 -36.07
N LEU B 281 27.99 -4.78 -35.06
CA LEU B 281 27.55 -4.67 -33.67
C LEU B 281 28.47 -3.69 -32.94
N VAL B 282 27.87 -2.84 -32.11
CA VAL B 282 28.64 -1.79 -31.43
C VAL B 282 29.56 -2.41 -30.38
N THR B 283 30.57 -1.65 -29.99
CA THR B 283 31.55 -2.12 -29.03
C THR B 283 32.18 -0.94 -28.30
N THR B 284 32.33 -1.08 -26.99
CA THR B 284 33.06 -0.12 -26.17
C THR B 284 34.53 -0.49 -26.17
N VAL B 285 35.39 0.52 -26.13
CA VAL B 285 36.84 0.31 -26.19
C VAL B 285 37.41 -0.27 -24.91
N MET B 286 36.61 -0.36 -23.84
CA MET B 286 37.09 -0.90 -22.58
C MET B 286 37.02 -2.42 -22.51
N SER B 287 36.52 -3.08 -23.56
CA SER B 287 36.50 -4.53 -23.60
C SER B 287 37.93 -5.07 -23.76
N ASN B 288 38.10 -6.34 -23.42
CA ASN B 288 39.40 -6.98 -23.52
C ASN B 288 39.81 -7.13 -24.98
N LEU B 289 41.13 -7.04 -25.22
CA LEU B 289 41.65 -7.14 -26.58
C LEU B 289 41.41 -8.53 -27.16
N GLY B 290 41.42 -9.56 -26.32
CA GLY B 290 41.07 -10.89 -26.80
C GLY B 290 39.63 -10.98 -27.28
N PHE B 291 38.73 -10.26 -26.62
CA PHE B 291 37.33 -10.24 -27.04
C PHE B 291 37.17 -9.63 -28.43
N HIS B 292 37.81 -8.48 -28.66
CA HIS B 292 37.72 -7.85 -29.98
C HIS B 292 38.46 -8.66 -31.04
N LEU B 293 39.55 -9.33 -30.66
CA LEU B 293 40.25 -10.20 -31.60
C LEU B 293 39.39 -11.38 -32.01
N ALA B 294 38.70 -12.00 -31.05
CA ALA B 294 37.78 -13.09 -31.38
C ALA B 294 36.59 -12.59 -32.17
N LEU B 295 36.15 -11.36 -31.93
CA LEU B 295 35.08 -10.78 -32.74
C LEU B 295 35.54 -10.57 -34.18
N GLU B 296 36.76 -10.08 -34.37
CA GLU B 296 37.30 -9.88 -35.70
C GLU B 296 37.49 -11.21 -36.43
N GLU B 297 37.93 -12.24 -35.70
CA GLU B 297 38.03 -13.56 -36.30
C GLU B 297 36.65 -14.12 -36.64
N ALA B 298 35.64 -13.78 -35.84
CA ALA B 298 34.28 -14.23 -36.11
C ALA B 298 33.71 -13.60 -37.38
N GLY B 299 34.16 -12.39 -37.72
CA GLY B 299 33.77 -11.73 -38.94
C GLY B 299 32.71 -10.65 -38.79
N ILE B 300 32.07 -10.55 -37.63
CA ILE B 300 31.13 -9.46 -37.39
C ILE B 300 31.89 -8.14 -37.28
N ASN B 301 31.35 -7.10 -37.90
CA ASN B 301 32.01 -5.80 -37.93
C ASN B 301 31.95 -5.15 -36.56
N SER B 302 33.08 -4.61 -36.11
CA SER B 302 33.20 -3.99 -34.80
C SER B 302 33.44 -2.50 -34.96
N VAL B 303 32.74 -1.71 -34.16
CA VAL B 303 32.90 -0.25 -34.14
C VAL B 303 33.16 0.18 -32.71
N ILE B 304 34.15 1.05 -32.53
CA ILE B 304 34.57 1.52 -31.22
C ILE B 304 34.27 3.01 -31.12
N THR B 305 33.62 3.42 -30.04
CA THR B 305 33.26 4.81 -29.82
C THR B 305 33.80 5.28 -28.48
N ALA B 306 33.32 6.44 -28.01
CA ALA B 306 33.75 6.96 -26.72
C ALA B 306 33.33 6.04 -25.59
N VAL B 307 34.17 5.95 -24.56
CA VAL B 307 33.89 5.09 -23.42
C VAL B 307 32.72 5.67 -22.64
N GLY B 308 31.73 4.82 -22.33
CA GLY B 308 30.54 5.26 -21.65
C GLY B 308 29.27 4.70 -22.27
N ASP B 309 28.30 4.34 -21.43
CA ASP B 309 27.08 3.73 -21.92
C ASP B 309 26.23 4.71 -22.71
N ARG B 310 26.31 6.01 -22.39
CA ARG B 310 25.60 7.01 -23.18
C ARG B 310 26.14 7.07 -24.61
N TYR B 311 27.47 6.99 -24.77
CA TYR B 311 28.04 6.93 -26.11
C TYR B 311 27.68 5.63 -26.82
N VAL B 312 27.55 4.54 -26.08
CA VAL B 312 27.10 3.28 -26.65
C VAL B 312 25.69 3.41 -27.20
N VAL B 313 24.81 4.07 -26.44
CA VAL B 313 23.43 4.26 -26.88
C VAL B 313 23.37 5.18 -28.08
N GLU B 314 24.19 6.25 -28.09
CA GLU B 314 24.22 7.15 -29.23
C GLU B 314 24.73 6.45 -30.49
N GLU B 315 25.75 5.59 -30.35
CA GLU B 315 26.24 4.84 -31.50
C GLU B 315 25.22 3.83 -31.99
N MET B 316 24.47 3.21 -31.07
CA MET B 316 23.41 2.29 -31.47
C MET B 316 22.31 3.02 -32.24
N LYS B 317 21.95 4.23 -31.79
CA LYS B 317 20.88 4.96 -32.46
C LYS B 317 21.33 5.53 -33.80
N LYS B 318 22.63 5.86 -33.93
CA LYS B 318 23.11 6.47 -35.17
C LYS B 318 23.47 5.42 -36.22
N ASN B 319 23.98 4.26 -35.80
CA ASN B 319 24.51 3.27 -36.73
C ASN B 319 23.46 2.29 -37.24
N ASN B 320 22.20 2.45 -36.84
CA ASN B 320 21.04 1.68 -37.30
C ASN B 320 21.15 0.19 -37.01
N TYR B 321 22.00 -0.21 -36.06
CA TYR B 321 22.08 -1.62 -35.67
C TYR B 321 20.97 -1.95 -34.68
N ASN B 322 21.08 -3.13 -34.09
CA ASN B 322 20.09 -3.57 -33.11
C ASN B 322 20.72 -4.21 -31.87
N PHE B 323 21.99 -3.89 -31.59
CA PHE B 323 22.64 -4.44 -30.41
C PHE B 323 23.79 -3.54 -29.98
N GLY B 324 24.05 -3.50 -28.68
CA GLY B 324 25.19 -2.77 -28.16
C GLY B 324 25.43 -3.06 -26.68
N GLY B 325 26.66 -3.39 -26.31
CA GLY B 325 26.94 -3.71 -24.93
C GLY B 325 28.39 -3.57 -24.50
N GLU B 326 28.63 -2.85 -23.40
CA GLU B 326 29.95 -2.72 -22.81
C GLU B 326 30.24 -3.91 -21.90
N GLN B 327 31.54 -4.12 -21.64
CA GLN B 327 31.99 -5.28 -20.88
C GLN B 327 31.58 -5.24 -19.42
N SER B 328 31.12 -4.10 -18.92
CA SER B 328 30.61 -4.04 -17.56
C SER B 328 29.33 -4.86 -17.39
N GLY B 329 28.49 -4.87 -18.41
CA GLY B 329 27.26 -5.65 -18.39
C GLY B 329 26.03 -4.93 -18.90
N HIS B 330 26.11 -3.63 -19.18
CA HIS B 330 24.98 -2.92 -19.76
C HIS B 330 24.89 -3.28 -21.24
N MET B 331 23.92 -4.12 -21.58
CA MET B 331 23.78 -4.62 -22.94
C MET B 331 22.46 -4.15 -23.51
N ILE B 332 22.52 -3.24 -24.48
CA ILE B 332 21.33 -2.72 -25.13
C ILE B 332 20.93 -3.71 -26.22
N PHE B 333 20.00 -4.61 -25.88
CA PHE B 333 19.40 -5.53 -26.84
C PHE B 333 18.09 -4.88 -27.28
N LEU B 334 18.19 -3.96 -28.23
CA LEU B 334 17.04 -3.13 -28.61
C LEU B 334 16.01 -3.88 -29.44
N ASP B 335 16.29 -5.11 -29.86
CA ASP B 335 15.30 -5.89 -30.58
C ASP B 335 14.15 -6.33 -29.68
N TYR B 336 14.32 -6.25 -28.36
CA TYR B 336 13.25 -6.61 -27.43
C TYR B 336 13.08 -5.63 -26.27
N ASN B 337 13.92 -4.60 -26.14
CA ASN B 337 13.84 -3.68 -25.02
C ASN B 337 14.07 -2.25 -25.48
N THR B 338 13.54 -1.30 -24.70
CA THR B 338 13.69 0.11 -24.98
C THR B 338 15.06 0.65 -24.62
N THR B 339 15.72 0.09 -23.61
CA THR B 339 16.99 0.60 -23.11
C THR B 339 17.73 -0.55 -22.45
N GLY B 340 18.75 -0.21 -21.66
CA GLY B 340 19.55 -1.19 -20.93
C GLY B 340 18.73 -2.08 -20.03
N ASP B 341 18.83 -3.39 -20.24
CA ASP B 341 17.96 -4.35 -19.57
C ASP B 341 18.78 -5.60 -19.24
N GLY B 342 19.19 -5.71 -17.98
CA GLY B 342 19.92 -6.90 -17.55
C GLY B 342 19.08 -8.15 -17.60
N GLN B 343 17.83 -8.06 -17.17
CA GLN B 343 16.94 -9.23 -17.16
C GLN B 343 16.64 -9.71 -18.58
N LEU B 344 16.42 -8.78 -19.51
CA LEU B 344 16.19 -9.18 -20.90
C LEU B 344 17.46 -9.77 -21.51
N SER B 345 18.63 -9.24 -21.12
CA SER B 345 19.89 -9.82 -21.59
C SER B 345 20.07 -11.24 -21.09
N ALA B 346 19.75 -11.48 -19.81
CA ALA B 346 19.84 -12.83 -19.27
C ALA B 346 18.85 -13.77 -19.92
N ILE B 347 17.64 -13.27 -20.21
CA ILE B 347 16.63 -14.09 -20.89
C ILE B 347 17.10 -14.46 -22.29
N GLN B 348 17.67 -13.50 -23.02
CA GLN B 348 18.19 -13.77 -24.35
C GLN B 348 19.35 -14.75 -24.32
N LEU B 349 20.21 -14.64 -23.30
CA LEU B 349 21.32 -15.59 -23.17
C LEU B 349 20.83 -16.99 -22.86
N LEU B 350 19.84 -17.12 -21.98
CA LEU B 350 19.30 -18.43 -21.66
C LEU B 350 18.57 -19.05 -22.85
N LYS B 351 17.87 -18.24 -23.63
CA LYS B 351 17.24 -18.75 -24.84
C LYS B 351 18.29 -19.15 -25.88
N VAL B 352 19.40 -18.42 -25.94
CA VAL B 352 20.50 -18.79 -26.84
C VAL B 352 21.08 -20.13 -26.44
N MET B 353 21.29 -20.34 -25.14
CA MET B 353 21.82 -21.60 -24.66
C MET B 353 20.84 -22.75 -24.85
N ARG B 354 19.53 -22.46 -24.79
CA ARG B 354 18.53 -23.50 -25.03
C ARG B 354 18.46 -23.86 -26.50
N GLU B 355 18.42 -22.85 -27.38
CA GLU B 355 18.23 -23.12 -28.81
C GLU B 355 19.48 -23.71 -29.44
N THR B 356 20.64 -23.12 -29.16
CA THR B 356 21.86 -23.62 -29.78
C THR B 356 22.36 -24.90 -29.14
N GLY B 357 22.15 -25.06 -27.83
CA GLY B 357 22.65 -26.22 -27.12
C GLY B 357 24.11 -26.14 -26.72
N LYS B 358 24.76 -25.01 -26.93
CA LYS B 358 26.16 -24.86 -26.55
C LYS B 358 26.31 -24.87 -25.03
N SER B 359 27.41 -25.46 -24.57
CA SER B 359 27.59 -25.71 -23.15
C SER B 359 27.90 -24.42 -22.39
N LEU B 360 27.56 -24.43 -21.11
CA LEU B 360 27.89 -23.32 -20.24
C LEU B 360 29.40 -23.20 -20.05
N SER B 361 30.11 -24.33 -20.11
CA SER B 361 31.58 -24.29 -20.02
C SER B 361 32.19 -23.71 -21.28
N GLU B 362 31.62 -24.02 -22.45
CA GLU B 362 32.19 -23.59 -23.71
C GLU B 362 31.60 -22.28 -24.22
N LEU B 363 30.67 -21.68 -23.47
CA LEU B 363 30.02 -20.45 -23.91
C LEU B 363 30.99 -19.29 -24.00
N ALA B 364 32.10 -19.34 -23.26
CA ALA B 364 33.09 -18.28 -23.28
C ALA B 364 34.27 -18.58 -24.20
N SER B 365 34.04 -19.28 -25.31
CA SER B 365 35.12 -19.63 -26.22
C SER B 365 35.70 -18.39 -26.90
N GLU B 366 34.84 -17.54 -27.46
CA GLU B 366 35.31 -16.33 -28.12
C GLU B 366 35.68 -15.28 -27.08
N LYS C 118 4.74 -30.96 3.14
CA LYS C 118 6.07 -31.05 3.72
C LYS C 118 7.13 -31.22 2.65
N LYS C 119 7.73 -30.12 2.23
CA LYS C 119 8.76 -30.13 1.19
C LYS C 119 9.62 -28.89 1.34
N GLY C 120 10.55 -28.70 0.40
CA GLY C 120 11.34 -27.49 0.37
C GLY C 120 10.52 -26.26 0.03
N SER C 121 9.43 -26.44 -0.71
CA SER C 121 8.49 -25.34 -0.94
C SER C 121 7.85 -24.90 0.36
N LEU C 122 7.51 -25.85 1.23
CA LEU C 122 7.03 -25.49 2.56
C LEU C 122 8.15 -24.92 3.43
N ASP C 123 9.39 -25.36 3.21
CA ASP C 123 10.52 -24.79 3.93
C ASP C 123 10.70 -23.31 3.60
N GLY C 124 10.57 -22.95 2.32
CA GLY C 124 10.57 -21.55 1.95
C GLY C 124 9.30 -20.83 2.36
N HIS C 125 8.19 -21.56 2.44
CA HIS C 125 6.95 -20.98 2.94
C HIS C 125 7.07 -20.63 4.42
N ILE C 126 7.92 -21.33 5.15
CA ILE C 126 8.21 -20.95 6.53
C ILE C 126 8.85 -19.56 6.58
N SER C 127 9.81 -19.30 5.69
CA SER C 127 10.43 -17.99 5.62
C SER C 127 9.44 -16.93 5.15
N ALA C 128 8.56 -17.29 4.22
CA ALA C 128 7.51 -16.36 3.77
C ALA C 128 6.54 -16.04 4.90
N TYR C 129 6.18 -17.03 5.71
CA TYR C 129 5.31 -16.80 6.85
C TYR C 129 6.01 -15.96 7.91
N GLU C 130 7.32 -16.14 8.07
CA GLU C 130 8.09 -15.29 8.97
C GLU C 130 8.11 -13.84 8.48
N LYS C 131 8.26 -13.64 7.18
CA LYS C 131 8.21 -12.29 6.61
C LYS C 131 6.84 -11.66 6.82
N SER C 132 5.78 -12.45 6.63
CA SER C 132 4.42 -11.95 6.86
C SER C 132 4.19 -11.61 8.32
N PHE C 133 4.69 -12.44 9.24
CA PHE C 133 4.56 -12.15 10.67
C PHE C 133 5.37 -10.92 11.05
N ALA C 134 6.51 -10.69 10.41
CA ALA C 134 7.31 -9.50 10.70
C ALA C 134 6.61 -8.23 10.20
N TYR C 135 6.07 -8.29 8.97
CA TYR C 135 5.30 -7.16 8.46
C TYR C 135 4.02 -6.93 9.27
N MET C 136 3.50 -7.98 9.92
CA MET C 136 2.39 -7.79 10.85
C MET C 136 2.88 -7.19 12.15
N SER C 137 4.08 -7.56 12.61
CA SER C 137 4.62 -7.05 13.85
C SER C 137 4.93 -5.56 13.75
N GLU C 138 5.40 -5.11 12.59
CA GLU C 138 5.59 -3.68 12.40
C GLU C 138 4.27 -2.93 12.25
N ARG C 139 3.16 -3.65 12.04
CA ARG C 139 1.85 -3.04 11.86
C ARG C 139 0.82 -3.51 12.88
N LYS C 140 1.25 -4.28 13.89
CA LYS C 140 0.41 -4.73 15.01
C LYS C 140 -0.83 -5.49 14.54
N ILE C 141 -0.65 -6.37 13.55
CA ILE C 141 -1.72 -7.26 13.11
C ILE C 141 -1.59 -8.53 13.95
N GLY C 142 -2.20 -8.50 15.14
CA GLY C 142 -2.05 -9.58 16.08
C GLY C 142 -2.97 -10.75 15.80
N ALA C 143 -2.37 -11.90 15.49
CA ALA C 143 -3.14 -13.11 15.21
C ALA C 143 -2.33 -14.30 15.72
N LEU C 144 -2.93 -15.48 15.59
CA LEU C 144 -2.31 -16.73 16.03
C LEU C 144 -2.37 -17.77 14.92
N ILE C 145 -1.28 -18.52 14.75
CA ILE C 145 -1.16 -19.54 13.73
C ILE C 145 -0.76 -20.85 14.41
N ALA C 146 -0.57 -21.89 13.60
CA ALA C 146 -0.24 -23.20 14.13
C ALA C 146 0.74 -23.94 13.23
N ILE C 147 1.46 -24.88 13.85
CA ILE C 147 2.22 -25.91 13.16
C ILE C 147 2.22 -27.12 14.07
N GLU C 148 1.64 -28.22 13.60
CA GLU C 148 1.40 -29.37 14.46
C GLU C 148 2.71 -30.00 14.92
N ARG C 149 2.72 -30.44 16.18
CA ARG C 149 3.99 -30.83 16.79
C ARG C 149 3.87 -32.04 17.70
N GLY C 150 3.03 -33.02 17.37
CA GLY C 150 2.97 -34.22 18.17
C GLY C 150 1.59 -34.82 18.24
N GLN C 151 0.58 -34.03 17.90
CA GLN C 151 -0.78 -34.51 17.77
C GLN C 151 -1.52 -33.62 16.78
N ASN C 152 -2.66 -34.10 16.32
CA ASN C 152 -3.45 -33.35 15.37
C ASN C 152 -4.15 -32.19 16.07
N LEU C 153 -4.14 -31.03 15.42
CA LEU C 153 -5.01 -29.93 15.83
C LEU C 153 -6.40 -30.06 15.24
N ASN C 154 -6.63 -31.08 14.41
CA ASN C 154 -7.84 -31.17 13.58
C ASN C 154 -9.10 -31.29 14.42
N GLU C 155 -9.02 -31.94 15.59
CA GLU C 155 -10.18 -31.97 16.48
C GLU C 155 -10.54 -30.58 16.95
N PHE C 156 -9.54 -29.76 17.26
CA PHE C 156 -9.80 -28.34 17.50
C PHE C 156 -9.90 -27.55 16.21
N VAL C 157 -9.43 -28.10 15.10
CA VAL C 157 -9.50 -27.39 13.82
C VAL C 157 -10.71 -27.77 12.99
N SER C 158 -11.70 -28.45 13.58
CA SER C 158 -12.89 -28.82 12.83
C SER C 158 -14.03 -27.81 13.01
N THR C 159 -13.73 -26.61 13.53
CA THR C 159 -14.79 -25.67 13.86
C THR C 159 -15.44 -25.06 12.63
N GLY C 160 -14.65 -24.61 11.65
CA GLY C 160 -15.16 -23.84 10.54
C GLY C 160 -14.77 -24.35 9.16
N ILE C 161 -14.99 -23.48 8.17
CA ILE C 161 -14.75 -23.80 6.78
C ILE C 161 -13.25 -23.60 6.51
N ARG C 162 -12.50 -24.69 6.58
CA ARG C 162 -11.07 -24.66 6.34
C ARG C 162 -10.78 -24.50 4.85
N LEU C 163 -9.50 -24.30 4.53
CA LEU C 163 -9.07 -24.07 3.15
C LEU C 163 -8.12 -25.14 2.63
N ASP C 164 -7.11 -25.52 3.43
CA ASP C 164 -6.00 -26.40 3.08
C ASP C 164 -5.17 -25.90 1.92
N ALA C 165 -5.27 -24.60 1.58
CA ALA C 165 -4.41 -24.01 0.57
C ALA C 165 -3.01 -23.83 1.13
N ASP C 166 -2.01 -23.99 0.25
CA ASP C 166 -0.62 -23.95 0.66
C ASP C 166 -0.26 -22.58 1.25
N ILE C 167 0.68 -22.59 2.20
CA ILE C 167 1.00 -21.41 2.97
C ILE C 167 1.73 -20.42 2.06
N THR C 168 1.02 -19.38 1.65
CA THR C 168 1.58 -18.32 0.81
C THR C 168 1.58 -17.02 1.59
N SER C 169 2.50 -16.14 1.22
CA SER C 169 2.65 -14.87 1.94
C SER C 169 1.42 -14.00 1.78
N GLU C 170 0.89 -13.90 0.55
CA GLU C 170 -0.24 -13.03 0.29
C GLU C 170 -1.50 -13.53 0.99
N LEU C 171 -1.73 -14.85 0.97
CA LEU C 171 -2.97 -15.41 1.51
C LEU C 171 -3.06 -15.20 3.02
N LEU C 172 -1.99 -15.56 3.75
CA LEU C 172 -1.98 -15.34 5.19
C LEU C 172 -1.96 -13.86 5.53
N ILE C 173 -1.18 -13.06 4.79
CA ILE C 173 -1.04 -11.65 5.09
C ILE C 173 -2.34 -10.89 4.85
N ASN C 174 -3.21 -11.41 3.98
CA ASN C 174 -4.53 -10.82 3.81
C ASN C 174 -5.59 -11.46 4.69
N ILE C 175 -5.36 -12.70 5.13
CA ILE C 175 -6.36 -13.40 5.93
C ILE C 175 -6.34 -12.91 7.37
N PHE C 176 -5.15 -12.83 7.97
CA PHE C 176 -5.07 -12.56 9.40
C PHE C 176 -5.20 -11.08 9.76
N ILE C 177 -5.73 -10.25 8.88
CA ILE C 177 -5.98 -8.84 9.23
C ILE C 177 -7.20 -8.75 10.12
N PRO C 178 -7.34 -7.72 10.93
CA PRO C 178 -8.53 -7.61 11.80
C PRO C 178 -9.67 -6.88 11.08
N ASN C 179 -10.84 -6.92 11.74
CA ASN C 179 -12.08 -6.30 11.24
C ASN C 179 -12.47 -6.83 9.87
N THR C 180 -12.42 -8.15 9.72
CA THR C 180 -12.70 -8.81 8.45
C THR C 180 -13.29 -10.19 8.72
N PRO C 181 -13.59 -10.96 7.67
CA PRO C 181 -14.29 -12.24 7.88
C PRO C 181 -13.44 -13.35 8.47
N LEU C 182 -12.18 -13.09 8.83
CA LEU C 182 -11.34 -14.11 9.45
C LEU C 182 -10.49 -13.52 10.58
N HIS C 183 -10.99 -12.47 11.24
CA HIS C 183 -10.23 -11.84 12.31
C HIS C 183 -10.24 -12.70 13.57
N ASP C 184 -11.41 -13.24 13.92
CA ASP C 184 -11.55 -14.03 15.13
C ASP C 184 -10.85 -15.37 14.97
N GLY C 185 -10.67 -16.05 16.10
CA GLY C 185 -10.05 -17.36 16.10
C GLY C 185 -8.57 -17.29 15.72
N ALA C 186 -8.02 -18.47 15.45
CA ALA C 186 -6.62 -18.63 15.11
C ALA C 186 -6.48 -19.43 13.83
N VAL C 187 -5.26 -19.46 13.29
CA VAL C 187 -4.94 -20.22 12.09
C VAL C 187 -4.43 -21.59 12.51
N ILE C 188 -4.98 -22.63 11.89
CA ILE C 188 -4.57 -24.00 12.15
C ILE C 188 -4.04 -24.59 10.85
N VAL C 189 -2.98 -25.39 10.95
CA VAL C 189 -2.21 -25.80 9.79
C VAL C 189 -1.94 -27.30 9.83
N GLN C 190 -1.55 -27.82 8.67
CA GLN C 190 -1.07 -29.19 8.54
C GLN C 190 -0.37 -29.29 7.20
N GLY C 191 0.78 -29.96 7.18
CA GLY C 191 1.55 -30.05 5.96
C GLY C 191 2.06 -28.68 5.52
N ASN C 192 2.06 -28.47 4.21
CA ASN C 192 2.48 -27.20 3.62
C ASN C 192 1.36 -26.17 3.63
N LYS C 193 0.30 -26.38 4.40
CA LYS C 193 -0.92 -25.60 4.28
C LYS C 193 -1.46 -25.23 5.65
N ILE C 194 -2.20 -24.12 5.71
CA ILE C 194 -2.93 -23.69 6.90
C ILE C 194 -4.42 -23.79 6.57
N ALA C 195 -5.17 -24.43 7.47
CA ALA C 195 -6.58 -24.76 7.20
C ALA C 195 -7.51 -23.57 7.40
N VAL C 196 -7.22 -22.46 6.71
CA VAL C 196 -7.94 -21.19 6.72
C VAL C 196 -7.79 -20.56 8.11
N THR C 197 -8.82 -19.86 8.56
CA THR C 197 -8.87 -19.39 9.94
C THR C 197 -10.30 -19.32 10.45
N SER C 198 -10.80 -20.41 11.01
CA SER C 198 -12.06 -20.37 11.74
C SER C 198 -12.02 -21.33 12.92
N ALA C 199 -10.83 -21.59 13.45
CA ALA C 199 -10.69 -22.57 14.52
C ALA C 199 -9.42 -22.35 15.36
N TYR C 200 -9.59 -21.96 16.62
CA TYR C 200 -8.49 -21.72 17.55
C TYR C 200 -8.34 -22.92 18.47
N LEU C 201 -7.16 -23.03 19.06
CA LEU C 201 -6.85 -24.13 19.97
C LEU C 201 -7.45 -23.86 21.33
N PRO C 202 -7.29 -24.78 22.28
CA PRO C 202 -7.79 -24.53 23.65
C PRO C 202 -6.91 -23.55 24.39
N LEU C 203 -7.54 -22.69 25.20
CA LEU C 203 -6.82 -21.67 25.95
C LEU C 203 -6.11 -22.29 27.15
N THR C 204 -5.54 -21.44 28.00
CA THR C 204 -4.72 -21.89 29.11
C THR C 204 -5.58 -22.19 30.33
N GLU C 205 -4.92 -22.55 31.43
CA GLU C 205 -5.60 -22.74 32.70
C GLU C 205 -4.81 -22.19 33.89
N LYS C 206 -3.62 -21.65 33.67
CA LYS C 206 -2.80 -21.13 34.76
C LYS C 206 -2.83 -19.61 34.78
N SER C 207 -2.49 -19.05 35.95
CA SER C 207 -2.48 -17.61 36.15
C SER C 207 -1.21 -17.07 36.79
N GLY C 208 -0.19 -17.91 37.00
CA GLY C 208 1.06 -17.44 37.55
C GLY C 208 1.94 -16.71 36.55
N ILE C 209 1.65 -16.86 35.26
CA ILE C 209 2.41 -16.20 34.19
C ILE C 209 1.91 -14.77 34.05
N SER C 210 2.64 -13.97 33.29
CA SER C 210 2.29 -12.56 33.09
C SER C 210 0.96 -12.43 32.39
N LYS C 211 0.09 -11.58 32.94
CA LYS C 211 -1.27 -11.39 32.43
C LYS C 211 -1.36 -10.24 31.43
N GLN C 212 -0.31 -10.03 30.65
CA GLN C 212 -0.16 -8.81 29.86
C GLN C 212 -0.59 -8.98 28.41
N PHE C 213 -1.64 -9.75 28.14
CA PHE C 213 -2.08 -9.95 26.76
C PHE C 213 -3.55 -10.33 26.74
N GLY C 214 -4.13 -10.27 25.53
CA GLY C 214 -5.49 -10.71 25.32
C GLY C 214 -5.57 -12.21 25.14
N THR C 215 -6.44 -12.62 24.22
CA THR C 215 -6.62 -14.04 23.95
C THR C 215 -5.39 -14.65 23.28
N ARG C 216 -4.57 -13.82 22.62
CA ARG C 216 -3.59 -14.33 21.68
C ARG C 216 -2.43 -15.03 22.38
N HIS C 217 -1.66 -14.30 23.17
CA HIS C 217 -0.46 -14.87 23.78
C HIS C 217 -0.82 -15.89 24.86
N ARG C 218 -1.85 -15.58 25.66
CA ARG C 218 -2.29 -16.52 26.69
C ARG C 218 -2.84 -17.81 26.08
N ALA C 219 -3.59 -17.71 24.98
CA ALA C 219 -4.16 -18.90 24.36
C ALA C 219 -3.10 -19.73 23.64
N ALA C 220 -2.11 -19.07 23.03
CA ALA C 220 -1.01 -19.82 22.43
C ALA C 220 -0.18 -20.53 23.49
N ILE C 221 0.04 -19.87 24.64
CA ILE C 221 0.72 -20.55 25.74
C ILE C 221 -0.13 -21.68 26.27
N GLY C 222 -1.45 -21.54 26.19
CA GLY C 222 -2.32 -22.66 26.54
C GLY C 222 -2.17 -23.82 25.58
N LEU C 223 -2.02 -23.52 24.29
CA LEU C 223 -1.73 -24.56 23.31
C LEU C 223 -0.39 -25.21 23.58
N SER C 224 0.54 -24.45 24.14
CA SER C 224 1.78 -25.05 24.64
C SER C 224 1.51 -25.94 25.85
N GLU C 225 0.60 -25.51 26.72
CA GLU C 225 0.40 -26.22 27.98
C GLU C 225 -0.34 -27.53 27.78
N VAL C 226 -1.28 -27.58 26.86
CA VAL C 226 -2.12 -28.76 26.64
C VAL C 226 -1.67 -29.54 25.42
N SER C 227 -1.72 -28.93 24.24
CA SER C 227 -1.15 -29.56 23.06
C SER C 227 0.38 -29.52 23.15
N ASP C 228 1.02 -30.26 22.25
CA ASP C 228 2.46 -30.24 22.15
C ASP C 228 2.97 -29.16 21.21
N ALA C 229 2.13 -28.18 20.88
CA ALA C 229 2.37 -27.23 19.79
C ALA C 229 3.58 -26.34 20.00
N LEU C 230 4.08 -25.78 18.90
CA LEU C 230 5.04 -24.69 18.93
C LEU C 230 4.52 -23.58 18.03
N ILE C 231 3.66 -22.73 18.55
CA ILE C 231 2.79 -21.91 17.74
C ILE C 231 3.32 -20.50 17.64
N LEU C 232 3.45 -20.02 16.41
CA LEU C 232 3.76 -18.62 16.17
C LEU C 232 2.49 -17.78 16.29
N VAL C 233 2.53 -16.80 17.19
CA VAL C 233 1.36 -15.97 17.46
C VAL C 233 1.78 -14.51 17.56
N VAL C 234 1.52 -13.74 16.51
CA VAL C 234 1.83 -12.31 16.47
C VAL C 234 0.98 -11.61 17.52
N SER C 235 1.53 -10.57 18.13
CA SER C 235 0.91 -9.93 19.29
C SER C 235 0.46 -8.52 18.92
N GLU C 236 -0.84 -8.26 19.08
CA GLU C 236 -1.35 -6.90 19.07
C GLU C 236 -1.42 -6.36 20.48
N GLU C 237 -1.96 -7.16 21.40
CA GLU C 237 -1.99 -6.80 22.81
C GLU C 237 -0.60 -6.75 23.44
N THR C 238 0.40 -7.40 22.83
CA THR C 238 1.77 -7.35 23.34
C THR C 238 2.75 -6.88 22.28
N GLY C 239 2.26 -6.32 21.18
CA GLY C 239 3.12 -5.62 20.24
C GLY C 239 3.97 -6.47 19.32
N GLY C 240 4.85 -7.27 19.88
CA GLY C 240 5.87 -7.97 19.11
C GLY C 240 5.44 -9.34 18.64
N ILE C 241 6.42 -10.25 18.57
CA ILE C 241 6.19 -11.65 18.22
C ILE C 241 6.90 -12.50 19.26
N SER C 242 6.20 -13.49 19.78
CA SER C 242 6.74 -14.37 20.80
C SER C 242 6.35 -15.80 20.48
N VAL C 243 7.16 -16.75 20.96
CA VAL C 243 7.01 -18.16 20.62
C VAL C 243 6.78 -18.94 21.90
N ALA C 244 5.68 -19.69 21.94
CA ALA C 244 5.44 -20.71 22.96
C ALA C 244 5.52 -22.08 22.31
N HIS C 245 6.33 -22.97 22.88
CA HIS C 245 6.71 -24.17 22.16
C HIS C 245 6.77 -25.39 23.08
N ASN C 246 5.96 -26.40 22.75
CA ASN C 246 6.12 -27.79 23.23
C ASN C 246 6.17 -27.88 24.75
N GLY C 247 5.34 -27.08 25.41
CA GLY C 247 5.34 -27.02 26.85
C GLY C 247 6.25 -25.97 27.45
N GLU C 248 6.79 -25.07 26.63
CA GLU C 248 7.60 -23.97 27.11
C GLU C 248 7.29 -22.76 26.24
N PHE C 249 8.05 -21.68 26.43
CA PHE C 249 7.78 -20.46 25.69
C PHE C 249 9.02 -19.59 25.63
N PHE C 250 8.90 -18.51 24.86
CA PHE C 250 9.88 -17.44 24.82
C PHE C 250 9.13 -16.15 24.48
N ALA C 251 9.73 -15.02 24.82
CA ALA C 251 9.06 -13.74 24.69
C ALA C 251 9.93 -12.74 23.93
N ASP C 252 9.34 -12.12 22.90
CA ASP C 252 9.90 -10.97 22.20
C ASP C 252 11.29 -11.24 21.63
N ILE C 253 11.51 -12.46 21.11
CA ILE C 253 12.83 -12.88 20.66
C ILE C 253 13.19 -12.17 19.36
N SER C 254 14.45 -12.30 18.95
CA SER C 254 14.94 -11.68 17.74
C SER C 254 14.33 -12.35 16.50
N LYS C 255 14.43 -11.65 15.37
CA LYS C 255 13.94 -12.18 14.10
C LYS C 255 14.72 -13.42 13.69
N GLU C 256 16.04 -13.42 13.93
CA GLU C 256 16.85 -14.59 13.63
C GLU C 256 16.44 -15.79 14.46
N LYS C 257 16.05 -15.56 15.72
CA LYS C 257 15.57 -16.64 16.56
C LYS C 257 14.29 -17.25 16.01
N PHE C 258 13.36 -16.40 15.56
CA PHE C 258 12.12 -16.91 14.98
C PHE C 258 12.38 -17.69 13.70
N HIS C 259 13.28 -17.18 12.85
CA HIS C 259 13.61 -17.87 11.61
C HIS C 259 14.25 -19.22 11.88
N ASP C 260 15.20 -19.27 12.83
CA ASP C 260 15.87 -20.52 13.17
C ASP C 260 14.89 -21.53 13.77
N ILE C 261 14.00 -21.07 14.65
CA ILE C 261 13.03 -21.96 15.27
C ILE C 261 12.06 -22.52 14.23
N LEU C 262 11.58 -21.67 13.32
CA LEU C 262 10.63 -22.14 12.31
C LEU C 262 11.29 -23.11 11.33
N VAL C 263 12.54 -22.85 10.96
CA VAL C 263 13.26 -23.77 10.08
C VAL C 263 13.54 -25.09 10.78
N ALA C 264 13.84 -25.05 12.08
CA ALA C 264 14.18 -26.28 12.81
C ALA C 264 12.95 -27.15 13.03
N ILE C 265 11.85 -26.56 13.47
CA ILE C 265 10.66 -27.33 13.82
C ILE C 265 9.56 -27.19 12.78
N LEU C 266 9.90 -26.82 11.55
CA LEU C 266 8.91 -26.69 10.48
C LEU C 266 8.41 -28.06 10.00
N GLY D 120 -23.88 -30.19 -12.13
CA GLY D 120 -23.06 -30.25 -10.94
C GLY D 120 -23.84 -30.08 -9.66
N SER D 121 -25.04 -29.53 -9.78
CA SER D 121 -25.95 -29.24 -8.67
C SER D 121 -25.27 -28.38 -7.61
N LEU D 122 -24.86 -27.17 -8.04
CA LEU D 122 -24.08 -26.28 -7.19
C LEU D 122 -24.99 -25.41 -6.31
N ASP D 123 -25.90 -26.09 -5.60
CA ASP D 123 -26.81 -25.41 -4.68
C ASP D 123 -26.11 -24.85 -3.46
N GLY D 124 -24.86 -25.24 -3.21
CA GLY D 124 -24.06 -24.62 -2.19
C GLY D 124 -23.05 -23.65 -2.77
N HIS D 125 -22.46 -24.00 -3.92
CA HIS D 125 -21.44 -23.16 -4.53
C HIS D 125 -22.02 -21.86 -5.05
N ILE D 126 -23.12 -21.94 -5.81
CA ILE D 126 -23.76 -20.74 -6.33
C ILE D 126 -24.38 -19.92 -5.22
N SER D 127 -24.92 -20.58 -4.19
CA SER D 127 -25.47 -19.85 -3.04
C SER D 127 -24.36 -19.10 -2.30
N ALA D 128 -23.19 -19.73 -2.14
CA ALA D 128 -22.07 -19.06 -1.48
C ALA D 128 -21.56 -17.90 -2.31
N TYR D 129 -21.44 -18.08 -3.63
CA TYR D 129 -20.99 -16.98 -4.49
C TYR D 129 -22.00 -15.84 -4.49
N GLU D 130 -23.29 -16.17 -4.48
CA GLU D 130 -24.33 -15.14 -4.42
C GLU D 130 -24.30 -14.39 -3.10
N LYS D 131 -24.12 -15.11 -1.99
CA LYS D 131 -24.05 -14.46 -0.68
C LYS D 131 -22.84 -13.56 -0.58
N SER D 132 -21.69 -14.03 -1.09
CA SER D 132 -20.49 -13.21 -1.10
C SER D 132 -20.66 -11.98 -1.97
N PHE D 133 -21.30 -12.14 -3.13
CA PHE D 133 -21.51 -11.01 -4.03
C PHE D 133 -22.44 -9.97 -3.40
N ALA D 134 -23.53 -10.42 -2.76
CA ALA D 134 -24.44 -9.49 -2.10
C ALA D 134 -23.77 -8.79 -0.92
N TYR D 135 -22.96 -9.53 -0.15
CA TYR D 135 -22.23 -8.93 0.96
C TYR D 135 -21.23 -7.89 0.48
N MET D 136 -20.56 -8.16 -0.64
CA MET D 136 -19.64 -7.18 -1.19
C MET D 136 -20.38 -5.98 -1.79
N SER D 137 -21.59 -6.21 -2.33
CA SER D 137 -22.33 -5.14 -2.98
C SER D 137 -22.88 -4.15 -1.96
N GLU D 138 -23.46 -4.66 -0.87
CA GLU D 138 -24.07 -3.78 0.12
C GLU D 138 -23.03 -2.92 0.83
N ARG D 139 -21.92 -3.54 1.24
CA ARG D 139 -20.86 -2.82 1.92
C ARG D 139 -19.89 -2.13 0.98
N LYS D 140 -20.13 -2.24 -0.35
CA LYS D 140 -19.32 -1.60 -1.39
C LYS D 140 -17.87 -2.07 -1.34
N ILE D 141 -17.68 -3.37 -1.52
CA ILE D 141 -16.36 -3.96 -1.67
C ILE D 141 -16.06 -4.04 -3.16
N GLY D 142 -14.94 -3.46 -3.58
CA GLY D 142 -14.64 -3.33 -4.99
C GLY D 142 -13.73 -4.42 -5.56
N ALA D 143 -14.27 -5.19 -6.50
CA ALA D 143 -13.51 -6.25 -7.15
C ALA D 143 -14.20 -6.59 -8.46
N LEU D 144 -13.66 -7.59 -9.15
CA LEU D 144 -14.27 -8.12 -10.37
C LEU D 144 -13.82 -9.56 -10.52
N ILE D 145 -14.69 -10.50 -10.16
CA ILE D 145 -14.31 -11.90 -10.03
C ILE D 145 -14.95 -12.70 -11.17
N ALA D 146 -14.61 -13.99 -11.25
CA ALA D 146 -15.15 -14.82 -12.32
C ALA D 146 -15.11 -16.29 -11.93
N ILE D 147 -15.98 -17.06 -12.58
CA ILE D 147 -15.97 -18.52 -12.53
C ILE D 147 -16.11 -19.00 -13.95
N GLU D 148 -15.33 -20.01 -14.33
CA GLU D 148 -15.22 -20.37 -15.73
C GLU D 148 -16.44 -21.16 -16.20
N ARG D 149 -16.35 -21.65 -17.42
CA ARG D 149 -17.39 -22.47 -18.03
C ARG D 149 -16.70 -23.53 -18.89
N GLY D 150 -17.44 -24.13 -19.81
CA GLY D 150 -16.98 -25.28 -20.56
C GLY D 150 -15.90 -25.08 -21.61
N GLN D 151 -15.18 -23.97 -21.55
CA GLN D 151 -14.08 -23.72 -22.47
C GLN D 151 -12.81 -23.40 -21.69
N ASN D 152 -11.76 -23.04 -22.41
CA ASN D 152 -10.46 -22.86 -21.80
C ASN D 152 -10.40 -21.58 -20.97
N LEU D 153 -9.94 -21.71 -19.73
CA LEU D 153 -9.74 -20.56 -18.87
C LEU D 153 -8.47 -20.64 -18.02
N ASN D 154 -7.62 -21.64 -18.22
CA ASN D 154 -6.46 -21.83 -17.34
C ASN D 154 -5.24 -21.06 -17.82
N GLU D 155 -5.08 -20.88 -19.13
CA GLU D 155 -3.92 -20.19 -19.66
C GLU D 155 -3.90 -18.72 -19.24
N PHE D 156 -5.06 -18.06 -19.28
CA PHE D 156 -5.14 -16.69 -18.79
C PHE D 156 -5.07 -16.61 -17.27
N VAL D 157 -5.30 -17.72 -16.57
CA VAL D 157 -5.35 -17.70 -15.11
C VAL D 157 -3.99 -18.01 -14.49
N SER D 158 -3.10 -18.67 -15.23
CA SER D 158 -1.83 -19.11 -14.66
C SER D 158 -0.87 -17.96 -14.37
N THR D 159 -1.18 -16.73 -14.82
CA THR D 159 -0.23 -15.62 -14.71
C THR D 159 -0.06 -15.18 -13.26
N GLY D 160 -1.15 -15.02 -12.53
CA GLY D 160 -1.13 -14.38 -11.24
C GLY D 160 -0.70 -15.29 -10.11
N ILE D 161 -0.84 -14.78 -8.88
CA ILE D 161 -0.48 -15.55 -7.69
C ILE D 161 -1.46 -16.70 -7.53
N ARG D 162 -0.99 -17.80 -6.95
CA ARG D 162 -1.75 -19.02 -6.85
C ARG D 162 -2.11 -19.32 -5.40
N LEU D 163 -3.38 -19.68 -5.18
CA LEU D 163 -3.82 -20.12 -3.86
C LEU D 163 -4.55 -21.46 -3.98
N ASP D 164 -5.30 -21.63 -5.06
CA ASP D 164 -6.15 -22.81 -5.30
C ASP D 164 -7.10 -23.04 -4.12
N ALA D 165 -7.68 -21.96 -3.63
CA ALA D 165 -8.36 -21.97 -2.34
C ALA D 165 -9.66 -22.76 -2.38
N ASP D 166 -9.99 -23.39 -1.26
CA ASP D 166 -11.30 -24.00 -1.08
C ASP D 166 -12.36 -22.90 -1.07
N ILE D 167 -13.53 -23.20 -1.63
CA ILE D 167 -14.53 -22.18 -1.93
C ILE D 167 -15.48 -22.02 -0.75
N THR D 168 -15.54 -20.80 -0.21
CA THR D 168 -16.54 -20.41 0.76
C THR D 168 -16.76 -18.91 0.62
N SER D 169 -17.95 -18.47 1.05
CA SER D 169 -18.31 -17.06 0.88
C SER D 169 -17.44 -16.15 1.74
N GLU D 170 -17.13 -16.58 2.96
CA GLU D 170 -16.33 -15.77 3.87
C GLU D 170 -14.92 -15.57 3.35
N LEU D 171 -14.31 -16.63 2.81
CA LEU D 171 -12.97 -16.50 2.24
C LEU D 171 -12.99 -15.62 1.00
N LEU D 172 -14.09 -15.64 0.23
CA LEU D 172 -14.21 -14.76 -0.91
C LEU D 172 -14.30 -13.30 -0.49
N ILE D 173 -15.07 -13.02 0.58
CA ILE D 173 -15.14 -11.67 1.11
C ILE D 173 -13.78 -11.23 1.65
N ASN D 174 -13.03 -12.17 2.22
CA ASN D 174 -11.69 -11.87 2.71
C ASN D 174 -10.75 -11.51 1.56
N ILE D 175 -10.76 -12.32 0.50
CA ILE D 175 -9.85 -12.11 -0.62
C ILE D 175 -10.20 -10.84 -1.39
N PHE D 176 -11.48 -10.49 -1.45
CA PHE D 176 -11.89 -9.28 -2.15
C PHE D 176 -12.00 -8.06 -1.23
N ILE D 177 -11.43 -8.12 -0.03
CA ILE D 177 -11.46 -6.97 0.88
C ILE D 177 -10.60 -5.84 0.30
N PRO D 178 -11.05 -4.60 0.35
CA PRO D 178 -10.29 -3.52 -0.28
C PRO D 178 -9.05 -3.14 0.52
N ASN D 179 -8.07 -2.57 -0.19
CA ASN D 179 -6.81 -2.08 0.37
C ASN D 179 -6.06 -3.17 1.14
N THR D 180 -6.00 -4.36 0.55
CA THR D 180 -5.42 -5.51 1.22
C THR D 180 -4.31 -6.12 0.37
N PRO D 181 -3.67 -7.19 0.83
CA PRO D 181 -2.59 -7.80 0.04
C PRO D 181 -3.07 -8.40 -1.27
N LEU D 182 -4.11 -9.24 -1.23
CA LEU D 182 -4.67 -9.85 -2.44
C LEU D 182 -5.81 -9.02 -3.03
N HIS D 183 -5.81 -7.71 -2.82
CA HIS D 183 -6.91 -6.86 -3.28
C HIS D 183 -6.80 -6.48 -4.75
N ASP D 184 -5.74 -6.90 -5.42
CA ASP D 184 -5.53 -6.53 -6.82
C ASP D 184 -5.88 -7.67 -7.75
N GLY D 185 -6.43 -7.33 -8.90
CA GLY D 185 -6.69 -8.30 -9.94
C GLY D 185 -7.96 -9.10 -9.71
N ALA D 186 -8.30 -9.88 -10.73
CA ALA D 186 -9.55 -10.63 -10.74
C ALA D 186 -9.44 -11.86 -9.83
N VAL D 187 -10.57 -12.52 -9.65
CA VAL D 187 -10.63 -13.80 -8.96
C VAL D 187 -11.33 -14.78 -9.90
N ILE D 188 -10.56 -15.68 -10.49
CA ILE D 188 -11.06 -16.66 -11.46
C ILE D 188 -11.15 -18.00 -10.77
N VAL D 189 -12.29 -18.68 -10.94
CA VAL D 189 -12.57 -19.91 -10.23
C VAL D 189 -12.76 -21.03 -11.24
N GLN D 190 -12.37 -22.25 -10.86
CA GLN D 190 -12.55 -23.44 -11.67
C GLN D 190 -13.25 -24.51 -10.84
N GLY D 191 -14.34 -25.04 -11.38
CA GLY D 191 -15.08 -26.06 -10.66
C GLY D 191 -15.74 -25.49 -9.42
N ASN D 192 -15.80 -26.31 -8.37
CA ASN D 192 -16.37 -25.92 -7.09
C ASN D 192 -15.35 -25.24 -6.17
N LYS D 193 -14.29 -24.67 -6.73
CA LYS D 193 -13.27 -23.98 -5.97
C LYS D 193 -12.74 -22.83 -6.81
N ILE D 194 -11.83 -22.06 -6.21
CA ILE D 194 -11.27 -20.87 -6.84
C ILE D 194 -9.75 -21.01 -6.88
N ALA D 195 -9.15 -20.62 -8.02
CA ALA D 195 -7.69 -20.60 -8.13
C ALA D 195 -7.28 -19.45 -9.06
N VAL D 196 -7.08 -18.27 -8.46
CA VAL D 196 -6.47 -17.12 -9.13
C VAL D 196 -6.17 -16.05 -8.09
N THR D 197 -5.16 -15.23 -8.36
CA THR D 197 -4.93 -14.01 -7.59
C THR D 197 -4.13 -13.06 -8.48
N SER D 198 -4.76 -11.96 -8.89
CA SER D 198 -4.14 -10.90 -9.69
C SER D 198 -3.64 -11.39 -11.06
N ALA D 199 -4.39 -12.27 -11.71
CA ALA D 199 -4.10 -12.65 -13.07
C ALA D 199 -4.88 -11.76 -14.04
N TYR D 200 -4.16 -11.17 -14.98
CA TYR D 200 -4.72 -10.14 -15.86
C TYR D 200 -5.59 -10.79 -16.92
N LEU D 201 -6.84 -10.33 -17.01
CA LEU D 201 -7.77 -10.81 -18.02
C LEU D 201 -7.63 -10.02 -19.30
N PRO D 202 -8.03 -10.60 -20.43
CA PRO D 202 -8.03 -9.84 -21.69
C PRO D 202 -9.16 -8.83 -21.73
N LEU D 203 -8.82 -7.60 -22.13
CA LEU D 203 -9.81 -6.53 -22.19
C LEU D 203 -10.68 -6.66 -23.43
N THR D 204 -11.74 -5.85 -23.49
CA THR D 204 -12.68 -5.91 -24.59
C THR D 204 -12.24 -5.01 -25.73
N GLU D 205 -12.94 -5.15 -26.85
CA GLU D 205 -12.73 -4.28 -28.00
C GLU D 205 -14.03 -3.83 -28.63
N LYS D 206 -15.18 -4.23 -28.07
CA LYS D 206 -16.46 -3.77 -28.57
C LYS D 206 -16.64 -2.27 -28.30
N SER D 207 -17.27 -1.60 -29.25
CA SER D 207 -17.36 -0.14 -29.20
C SER D 207 -18.35 0.35 -28.15
N GLY D 208 -19.37 -0.45 -27.82
CA GLY D 208 -20.42 0.01 -26.95
C GLY D 208 -20.11 -0.08 -25.46
N ILE D 209 -18.83 0.04 -25.10
CA ILE D 209 -18.44 -0.01 -23.69
C ILE D 209 -18.96 1.22 -22.97
N SER D 210 -19.61 1.01 -21.83
CA SER D 210 -20.13 2.12 -21.05
C SER D 210 -18.99 2.84 -20.33
N LYS D 211 -18.94 4.16 -20.48
CA LYS D 211 -17.94 4.95 -19.77
C LYS D 211 -18.19 4.92 -18.26
N GLN D 212 -19.46 4.91 -17.86
CA GLN D 212 -19.80 4.78 -16.45
C GLN D 212 -19.41 3.42 -15.88
N PHE D 213 -19.35 2.39 -16.72
CA PHE D 213 -18.77 1.12 -16.30
C PHE D 213 -17.27 1.30 -16.10
N GLY D 214 -16.75 0.71 -15.03
CA GLY D 214 -15.36 0.88 -14.68
C GLY D 214 -14.43 0.15 -15.64
N THR D 215 -13.13 0.48 -15.52
CA THR D 215 -12.11 -0.27 -16.25
C THR D 215 -12.04 -1.71 -15.77
N ARG D 216 -12.31 -1.95 -14.49
CA ARG D 216 -12.53 -3.32 -14.03
C ARG D 216 -13.78 -3.91 -14.67
N HIS D 217 -14.84 -3.12 -14.76
CA HIS D 217 -16.03 -3.57 -15.47
C HIS D 217 -15.77 -3.72 -16.97
N ARG D 218 -14.88 -2.88 -17.51
CA ARG D 218 -14.46 -3.06 -18.90
C ARG D 218 -13.72 -4.38 -19.09
N ALA D 219 -12.90 -4.74 -18.10
CA ALA D 219 -12.20 -6.03 -18.16
C ALA D 219 -13.17 -7.19 -18.03
N ALA D 220 -14.20 -7.04 -17.18
CA ALA D 220 -15.26 -8.04 -17.11
C ALA D 220 -15.99 -8.17 -18.44
N ILE D 221 -16.20 -7.04 -19.13
CA ILE D 221 -16.70 -7.07 -20.50
C ILE D 221 -15.69 -7.63 -21.47
N GLY D 222 -14.43 -7.73 -21.07
CA GLY D 222 -13.42 -8.31 -21.95
C GLY D 222 -13.67 -9.77 -22.26
N LEU D 223 -14.14 -10.53 -21.27
CA LEU D 223 -14.31 -11.96 -21.44
C LEU D 223 -15.50 -12.32 -22.32
N SER D 224 -16.35 -11.36 -22.68
CA SER D 224 -17.57 -11.66 -23.40
C SER D 224 -17.33 -12.12 -24.84
N GLU D 225 -16.12 -12.00 -25.36
CA GLU D 225 -15.81 -12.47 -26.70
C GLU D 225 -14.50 -13.23 -26.82
N VAL D 226 -13.71 -13.34 -25.77
CA VAL D 226 -12.47 -14.09 -25.80
C VAL D 226 -12.49 -15.26 -24.82
N SER D 227 -13.62 -15.44 -24.14
CA SER D 227 -13.83 -16.56 -23.24
C SER D 227 -15.19 -17.16 -23.57
N ASP D 228 -15.70 -18.02 -22.69
CA ASP D 228 -17.05 -18.53 -22.88
C ASP D 228 -17.80 -18.64 -21.56
N ALA D 229 -17.51 -17.76 -20.60
CA ALA D 229 -18.09 -17.85 -19.27
C ALA D 229 -18.80 -16.56 -18.90
N LEU D 230 -19.24 -16.49 -17.65
CA LEU D 230 -19.71 -15.27 -17.01
C LEU D 230 -18.60 -14.73 -16.13
N ILE D 231 -18.91 -13.70 -15.36
CA ILE D 231 -18.00 -13.14 -14.38
C ILE D 231 -18.81 -12.70 -13.17
N LEU D 232 -18.12 -12.20 -12.16
CA LEU D 232 -18.74 -11.56 -11.00
C LEU D 232 -18.24 -10.12 -10.97
N VAL D 233 -19.08 -9.19 -11.40
CA VAL D 233 -18.70 -7.79 -11.52
C VAL D 233 -19.45 -7.00 -10.46
N VAL D 234 -18.70 -6.36 -9.57
CA VAL D 234 -19.24 -5.48 -8.53
C VAL D 234 -18.59 -4.12 -8.67
N SER D 235 -19.41 -3.08 -8.83
CA SER D 235 -18.90 -1.75 -9.06
C SER D 235 -18.25 -1.20 -7.80
N GLU D 236 -17.05 -0.63 -7.94
CA GLU D 236 -16.37 -0.08 -6.77
C GLU D 236 -16.74 1.38 -6.54
N GLU D 237 -17.62 1.96 -7.36
CA GLU D 237 -18.02 3.34 -7.24
C GLU D 237 -19.46 3.49 -6.78
N THR D 238 -20.35 2.64 -7.27
CA THR D 238 -21.76 2.68 -6.88
C THR D 238 -22.30 1.34 -6.42
N GLY D 239 -21.62 0.23 -6.69
CA GLY D 239 -22.09 -1.07 -6.25
C GLY D 239 -23.14 -1.71 -7.11
N GLY D 240 -23.41 -1.17 -8.29
CA GLY D 240 -24.38 -1.79 -9.18
C GLY D 240 -23.93 -3.14 -9.69
N ILE D 241 -24.89 -3.95 -10.04
CA ILE D 241 -24.62 -5.31 -10.51
C ILE D 241 -24.34 -5.27 -11.99
N SER D 242 -23.55 -6.24 -12.46
CA SER D 242 -23.16 -6.30 -13.86
C SER D 242 -22.73 -7.71 -14.22
N VAL D 243 -23.05 -8.11 -15.44
CA VAL D 243 -22.62 -9.39 -15.98
C VAL D 243 -22.71 -9.31 -17.50
N ALA D 244 -21.70 -9.86 -18.17
CA ALA D 244 -21.68 -9.91 -19.63
C ALA D 244 -21.13 -11.27 -20.05
N HIS D 245 -22.03 -12.22 -20.33
CA HIS D 245 -21.66 -13.62 -20.56
C HIS D 245 -22.20 -14.08 -21.90
N ASN D 246 -21.50 -15.08 -22.48
CA ASN D 246 -21.90 -15.74 -23.71
C ASN D 246 -22.11 -14.77 -24.87
N GLY D 247 -21.38 -13.66 -24.86
CA GLY D 247 -21.60 -12.58 -25.78
C GLY D 247 -22.64 -11.57 -25.32
N GLU D 248 -23.72 -12.03 -24.72
CA GLU D 248 -24.79 -11.17 -24.24
C GLU D 248 -24.41 -10.59 -22.87
N PHE D 249 -25.37 -9.99 -22.18
CA PHE D 249 -25.07 -9.37 -20.91
C PHE D 249 -26.33 -9.31 -20.06
N PHE D 250 -26.12 -9.01 -18.78
CA PHE D 250 -27.22 -8.76 -17.83
C PHE D 250 -26.67 -7.90 -16.71
N ALA D 251 -27.27 -6.74 -16.49
CA ALA D 251 -26.72 -5.74 -15.58
C ALA D 251 -27.76 -5.27 -14.58
N ASP D 252 -27.26 -4.86 -13.41
CA ASP D 252 -28.05 -4.21 -12.34
C ASP D 252 -29.19 -5.09 -11.86
N ILE D 253 -29.01 -6.39 -11.91
CA ILE D 253 -30.04 -7.32 -11.49
C ILE D 253 -30.12 -7.34 -9.96
N SER D 254 -31.32 -7.61 -9.44
CA SER D 254 -31.51 -7.70 -8.01
C SER D 254 -30.90 -9.00 -7.47
N LYS D 255 -30.99 -9.17 -6.15
CA LYS D 255 -30.48 -10.38 -5.52
C LYS D 255 -31.23 -11.62 -6.00
N GLU D 256 -32.56 -11.54 -6.07
CA GLU D 256 -33.33 -12.63 -6.66
C GLU D 256 -33.10 -12.75 -8.16
N LYS D 257 -32.90 -11.61 -8.84
CA LYS D 257 -32.67 -11.65 -10.28
C LYS D 257 -31.29 -12.22 -10.61
N PHE D 258 -30.26 -11.81 -9.87
CA PHE D 258 -28.95 -12.43 -10.06
C PHE D 258 -28.96 -13.88 -9.59
N HIS D 259 -29.83 -14.21 -8.63
CA HIS D 259 -30.02 -15.62 -8.27
C HIS D 259 -30.60 -16.41 -9.43
N ASP D 260 -31.58 -15.84 -10.13
CA ASP D 260 -32.09 -16.48 -11.34
C ASP D 260 -31.03 -16.57 -12.43
N ILE D 261 -30.17 -15.57 -12.51
CA ILE D 261 -29.06 -15.60 -13.47
C ILE D 261 -28.11 -16.75 -13.16
N LEU D 262 -27.78 -16.93 -11.89
CA LEU D 262 -26.88 -18.02 -11.52
C LEU D 262 -27.56 -19.38 -11.67
N VAL D 263 -28.87 -19.45 -11.46
CA VAL D 263 -29.60 -20.68 -11.70
C VAL D 263 -29.60 -21.01 -13.19
N ALA D 264 -29.69 -19.99 -14.04
CA ALA D 264 -29.53 -20.21 -15.47
C ALA D 264 -28.09 -20.58 -15.83
N ILE D 265 -27.12 -20.13 -15.04
CA ILE D 265 -25.73 -20.51 -15.26
C ILE D 265 -25.53 -21.98 -14.93
N LEU D 266 -26.19 -22.47 -13.88
CA LEU D 266 -26.10 -23.88 -13.50
C LEU D 266 -26.74 -24.78 -14.54
#